data_2AVP
# 
_entry.id   2AVP 
# 
_audit_conform.dict_name       mmcif_pdbx.dic 
_audit_conform.dict_version    5.387 
_audit_conform.dict_location   http://mmcif.pdb.org/dictionaries/ascii/mmcif_pdbx.dic 
# 
loop_
_database_2.database_id 
_database_2.database_code 
_database_2.pdbx_database_accession 
_database_2.pdbx_DOI 
PDB   2AVP         pdb_00002avp 10.2210/pdb2avp/pdb 
RCSB  RCSB034368   ?            ?                   
WWPDB D_1000034368 ?            ?                   
# 
loop_
_pdbx_audit_revision_history.ordinal 
_pdbx_audit_revision_history.data_content_type 
_pdbx_audit_revision_history.major_revision 
_pdbx_audit_revision_history.minor_revision 
_pdbx_audit_revision_history.revision_date 
1 'Structure model' 1 0 2005-09-13 
2 'Structure model' 1 1 2008-05-01 
3 'Structure model' 1 2 2011-07-13 
4 'Structure model' 1 3 2024-02-14 
# 
_pdbx_audit_revision_details.ordinal             1 
_pdbx_audit_revision_details.revision_ordinal    1 
_pdbx_audit_revision_details.data_content_type   'Structure model' 
_pdbx_audit_revision_details.provider            repository 
_pdbx_audit_revision_details.type                'Initial release' 
_pdbx_audit_revision_details.description         ? 
_pdbx_audit_revision_details.details             ? 
# 
loop_
_pdbx_audit_revision_group.ordinal 
_pdbx_audit_revision_group.revision_ordinal 
_pdbx_audit_revision_group.data_content_type 
_pdbx_audit_revision_group.group 
1 2 'Structure model' 'Version format compliance' 
2 3 'Structure model' Advisory                    
3 3 'Structure model' 'Version format compliance' 
4 4 'Structure model' 'Data collection'           
5 4 'Structure model' 'Database references'       
6 4 'Structure model' 'Derived calculations'      
# 
loop_
_pdbx_audit_revision_category.ordinal 
_pdbx_audit_revision_category.revision_ordinal 
_pdbx_audit_revision_category.data_content_type 
_pdbx_audit_revision_category.category 
1 4 'Structure model' chem_comp_atom         
2 4 'Structure model' chem_comp_bond         
3 4 'Structure model' database_2             
4 4 'Structure model' pdbx_struct_conn_angle 
5 4 'Structure model' struct_conn            
6 4 'Structure model' struct_site            
# 
loop_
_pdbx_audit_revision_item.ordinal 
_pdbx_audit_revision_item.revision_ordinal 
_pdbx_audit_revision_item.data_content_type 
_pdbx_audit_revision_item.item 
1  4 'Structure model' '_database_2.pdbx_DOI'                        
2  4 'Structure model' '_database_2.pdbx_database_accession'         
3  4 'Structure model' '_pdbx_struct_conn_angle.ptnr1_auth_comp_id'  
4  4 'Structure model' '_pdbx_struct_conn_angle.ptnr1_auth_seq_id'   
5  4 'Structure model' '_pdbx_struct_conn_angle.ptnr1_label_asym_id' 
6  4 'Structure model' '_pdbx_struct_conn_angle.ptnr1_label_atom_id' 
7  4 'Structure model' '_pdbx_struct_conn_angle.ptnr1_label_comp_id' 
8  4 'Structure model' '_pdbx_struct_conn_angle.ptnr1_label_seq_id'  
9  4 'Structure model' '_pdbx_struct_conn_angle.ptnr1_symmetry'      
10 4 'Structure model' '_pdbx_struct_conn_angle.ptnr3_auth_comp_id'  
11 4 'Structure model' '_pdbx_struct_conn_angle.ptnr3_auth_seq_id'   
12 4 'Structure model' '_pdbx_struct_conn_angle.ptnr3_label_asym_id' 
13 4 'Structure model' '_pdbx_struct_conn_angle.ptnr3_label_atom_id' 
14 4 'Structure model' '_pdbx_struct_conn_angle.ptnr3_label_comp_id' 
15 4 'Structure model' '_pdbx_struct_conn_angle.ptnr3_label_seq_id'  
16 4 'Structure model' '_pdbx_struct_conn_angle.ptnr3_symmetry'      
17 4 'Structure model' '_pdbx_struct_conn_angle.value'               
18 4 'Structure model' '_struct_conn.pdbx_dist_value'                
19 4 'Structure model' '_struct_conn.ptnr1_auth_comp_id'             
20 4 'Structure model' '_struct_conn.ptnr1_auth_seq_id'              
21 4 'Structure model' '_struct_conn.ptnr1_label_asym_id'            
22 4 'Structure model' '_struct_conn.ptnr1_label_atom_id'            
23 4 'Structure model' '_struct_conn.ptnr1_label_comp_id'            
24 4 'Structure model' '_struct_conn.ptnr1_label_seq_id'             
25 4 'Structure model' '_struct_conn.ptnr1_symmetry'                 
26 4 'Structure model' '_struct_conn.ptnr2_auth_comp_id'             
27 4 'Structure model' '_struct_conn.ptnr2_auth_seq_id'              
28 4 'Structure model' '_struct_conn.ptnr2_label_asym_id'            
29 4 'Structure model' '_struct_conn.ptnr2_label_atom_id'            
30 4 'Structure model' '_struct_conn.ptnr2_label_comp_id'            
31 4 'Structure model' '_struct_conn.ptnr2_label_seq_id'             
32 4 'Structure model' '_struct_conn.ptnr2_symmetry'                 
33 4 'Structure model' '_struct_site.pdbx_auth_asym_id'              
34 4 'Structure model' '_struct_site.pdbx_auth_comp_id'              
35 4 'Structure model' '_struct_site.pdbx_auth_seq_id'               
# 
_pdbx_database_status.entry_id                        2AVP 
_pdbx_database_status.deposit_site                    RCSB 
_pdbx_database_status.process_site                    RCSB 
_pdbx_database_status.recvd_initial_deposition_date   2005-08-30 
_pdbx_database_status.status_code                     REL 
_pdbx_database_status.status_code_sf                  REL 
_pdbx_database_status.status_code_mr                  ? 
_pdbx_database_status.SG_entry                        N 
_pdbx_database_status.pdb_format_compatible           Y 
_pdbx_database_status.status_code_cs                  ? 
_pdbx_database_status.status_code_nmr_data            ? 
_pdbx_database_status.methods_development_category    ? 
# 
loop_
_audit_author.name 
_audit_author.pdbx_ordinal 
'Kajander, T.'      1 
'Cortajarena, A.L.' 2 
'Main, E.R.'        3 
'Mochrie, S.'       4 
'Regan, L.'         5 
# 
loop_
_citation.id 
_citation.title 
_citation.journal_abbrev 
_citation.journal_volume 
_citation.page_first 
_citation.page_last 
_citation.year 
_citation.journal_id_ASTM 
_citation.country 
_citation.journal_id_ISSN 
_citation.journal_id_CSD 
_citation.book_publisher 
_citation.pdbx_database_id_PubMed 
_citation.pdbx_database_id_DOI 
primary 
'Structure and stability of designed TPR protein superhelices: unusual crystal packing and implications for natural TPR proteins.' 
'Acta Crystallogr.,Sect.D' 63  800   811   2007 ABCRE6 DK 0907-4449 0766 ? 17582171 10.1107/S0907444907024353 
1       'A new folding paradigm for repeat proteins' J.Am.Chem.Soc.             127 10188 10190 2005 JACSAT US 0002-7863 0004 ? 
16028928 10.1021/ja0524494         
# 
loop_
_citation_author.citation_id 
_citation_author.name 
_citation_author.ordinal 
_citation_author.identifier_ORCID 
primary 'Kajander, T.'            1 ? 
primary 'Cortajarena, A.L.'       2 ? 
primary 'Mochrie, S.'             3 ? 
primary 'Regan, L.'               4 ? 
1       'Kajander, T.'            5 ? 
1       'Lopez-Cortajarena, A.L.' 6 ? 
1       'Main, E.R.'              7 ? 
1       'Mochrie, S.G.'           8 ? 
1       'Regan, L.'               9 ? 
# 
loop_
_entity.id 
_entity.type 
_entity.src_method 
_entity.pdbx_description 
_entity.formula_weight 
_entity.pdbx_number_of_molecules 
_entity.pdbx_ec 
_entity.pdbx_mutation 
_entity.pdbx_fragment 
_entity.details 
1 polymer     syn 'synthetic consensus TPR protein' 8228.750 1  ? ? ? ? 
2 non-polymer syn 'CADMIUM ION'                     112.411  2  ? ? ? ? 
3 water       nat water                             18.015   24 ? ? ? ? 
# 
_entity_poly.entity_id                      1 
_entity_poly.type                           'polypeptide(L)' 
_entity_poly.nstd_linkage                   no 
_entity_poly.nstd_monomer                   no 
_entity_poly.pdbx_seq_one_letter_code       GSAEAWYNLGNAYYKQGDYDEAIEYYQKALELDPRSAEAWYNLGNAYYKQGDYDEAIEYYQKALELDPRS 
_entity_poly.pdbx_seq_one_letter_code_can   GSAEAWYNLGNAYYKQGDYDEAIEYYQKALELDPRSAEAWYNLGNAYYKQGDYDEAIEYYQKALELDPRS 
_entity_poly.pdbx_strand_id                 A 
_entity_poly.pdbx_target_identifier         ? 
# 
loop_
_pdbx_entity_nonpoly.entity_id 
_pdbx_entity_nonpoly.name 
_pdbx_entity_nonpoly.comp_id 
2 'CADMIUM ION' CD  
3 water         HOH 
# 
loop_
_entity_poly_seq.entity_id 
_entity_poly_seq.num 
_entity_poly_seq.mon_id 
_entity_poly_seq.hetero 
1 1  GLY n 
1 2  SER n 
1 3  ALA n 
1 4  GLU n 
1 5  ALA n 
1 6  TRP n 
1 7  TYR n 
1 8  ASN n 
1 9  LEU n 
1 10 GLY n 
1 11 ASN n 
1 12 ALA n 
1 13 TYR n 
1 14 TYR n 
1 15 LYS n 
1 16 GLN n 
1 17 GLY n 
1 18 ASP n 
1 19 TYR n 
1 20 ASP n 
1 21 GLU n 
1 22 ALA n 
1 23 ILE n 
1 24 GLU n 
1 25 TYR n 
1 26 TYR n 
1 27 GLN n 
1 28 LYS n 
1 29 ALA n 
1 30 LEU n 
1 31 GLU n 
1 32 LEU n 
1 33 ASP n 
1 34 PRO n 
1 35 ARG n 
1 36 SER n 
1 37 ALA n 
1 38 GLU n 
1 39 ALA n 
1 40 TRP n 
1 41 TYR n 
1 42 ASN n 
1 43 LEU n 
1 44 GLY n 
1 45 ASN n 
1 46 ALA n 
1 47 TYR n 
1 48 TYR n 
1 49 LYS n 
1 50 GLN n 
1 51 GLY n 
1 52 ASP n 
1 53 TYR n 
1 54 ASP n 
1 55 GLU n 
1 56 ALA n 
1 57 ILE n 
1 58 GLU n 
1 59 TYR n 
1 60 TYR n 
1 61 GLN n 
1 62 LYS n 
1 63 ALA n 
1 64 LEU n 
1 65 GLU n 
1 66 LEU n 
1 67 ASP n 
1 68 PRO n 
1 69 ARG n 
1 70 SER n 
# 
_pdbx_entity_src_syn.entity_id              1 
_pdbx_entity_src_syn.pdbx_src_id            1 
_pdbx_entity_src_syn.pdbx_alt_source_flag   sample 
_pdbx_entity_src_syn.pdbx_beg_seq_num       ? 
_pdbx_entity_src_syn.pdbx_end_seq_num       ? 
_pdbx_entity_src_syn.organism_scientific    ? 
_pdbx_entity_src_syn.organism_common_name   ? 
_pdbx_entity_src_syn.ncbi_taxonomy_id       ? 
_pdbx_entity_src_syn.details                
'The sequence of the protein was designed and then expressed in E.coli BL21(DE3), plasmid pPROEX-HTb' 
# 
loop_
_chem_comp.id 
_chem_comp.type 
_chem_comp.mon_nstd_flag 
_chem_comp.name 
_chem_comp.pdbx_synonyms 
_chem_comp.formula 
_chem_comp.formula_weight 
ALA 'L-peptide linking' y ALANINE         ? 'C3 H7 N O2'     89.093  
ARG 'L-peptide linking' y ARGININE        ? 'C6 H15 N4 O2 1' 175.209 
ASN 'L-peptide linking' y ASPARAGINE      ? 'C4 H8 N2 O3'    132.118 
ASP 'L-peptide linking' y 'ASPARTIC ACID' ? 'C4 H7 N O4'     133.103 
CD  non-polymer         . 'CADMIUM ION'   ? 'Cd 2'           112.411 
GLN 'L-peptide linking' y GLUTAMINE       ? 'C5 H10 N2 O3'   146.144 
GLU 'L-peptide linking' y 'GLUTAMIC ACID' ? 'C5 H9 N O4'     147.129 
GLY 'peptide linking'   y GLYCINE         ? 'C2 H5 N O2'     75.067  
HOH non-polymer         . WATER           ? 'H2 O'           18.015  
ILE 'L-peptide linking' y ISOLEUCINE      ? 'C6 H13 N O2'    131.173 
LEU 'L-peptide linking' y LEUCINE         ? 'C6 H13 N O2'    131.173 
LYS 'L-peptide linking' y LYSINE          ? 'C6 H15 N2 O2 1' 147.195 
PRO 'L-peptide linking' y PROLINE         ? 'C5 H9 N O2'     115.130 
SER 'L-peptide linking' y SERINE          ? 'C3 H7 N O3'     105.093 
TRP 'L-peptide linking' y TRYPTOPHAN      ? 'C11 H12 N2 O2'  204.225 
TYR 'L-peptide linking' y TYROSINE        ? 'C9 H11 N O3'    181.189 
# 
loop_
_pdbx_poly_seq_scheme.asym_id 
_pdbx_poly_seq_scheme.entity_id 
_pdbx_poly_seq_scheme.seq_id 
_pdbx_poly_seq_scheme.mon_id 
_pdbx_poly_seq_scheme.ndb_seq_num 
_pdbx_poly_seq_scheme.pdb_seq_num 
_pdbx_poly_seq_scheme.auth_seq_num 
_pdbx_poly_seq_scheme.pdb_mon_id 
_pdbx_poly_seq_scheme.auth_mon_id 
_pdbx_poly_seq_scheme.pdb_strand_id 
_pdbx_poly_seq_scheme.pdb_ins_code 
_pdbx_poly_seq_scheme.hetero 
A 1 1  GLY 1  -1 ?  ?   ?   A . n 
A 1 2  SER 2  0  ?  ?   ?   A . n 
A 1 3  ALA 3  1  1  ALA ALA A . n 
A 1 4  GLU 4  2  2  GLU GLU A . n 
A 1 5  ALA 5  3  3  ALA ALA A . n 
A 1 6  TRP 6  4  4  TRP TRP A . n 
A 1 7  TYR 7  5  5  TYR TYR A . n 
A 1 8  ASN 8  6  6  ASN ASN A . n 
A 1 9  LEU 9  7  7  LEU LEU A . n 
A 1 10 GLY 10 8  8  GLY GLY A . n 
A 1 11 ASN 11 9  9  ASN ASN A . n 
A 1 12 ALA 12 10 10 ALA ALA A . n 
A 1 13 TYR 13 11 11 TYR TYR A . n 
A 1 14 TYR 14 12 12 TYR TYR A . n 
A 1 15 LYS 15 13 13 LYS LYS A . n 
A 1 16 GLN 16 14 14 GLN GLN A . n 
A 1 17 GLY 17 15 15 GLY GLY A . n 
A 1 18 ASP 18 16 16 ASP ASP A . n 
A 1 19 TYR 19 17 17 TYR TYR A . n 
A 1 20 ASP 20 18 18 ASP ASP A . n 
A 1 21 GLU 21 19 19 GLU GLU A . n 
A 1 22 ALA 22 20 20 ALA ALA A . n 
A 1 23 ILE 23 21 21 ILE ILE A . n 
A 1 24 GLU 24 22 22 GLU GLU A . n 
A 1 25 TYR 25 23 23 TYR TYR A . n 
A 1 26 TYR 26 24 24 TYR TYR A . n 
A 1 27 GLN 27 25 25 GLN GLN A . n 
A 1 28 LYS 28 26 26 LYS LYS A . n 
A 1 29 ALA 29 27 27 ALA ALA A . n 
A 1 30 LEU 30 28 28 LEU LEU A . n 
A 1 31 GLU 31 29 29 GLU GLU A . n 
A 1 32 LEU 32 30 30 LEU LEU A . n 
A 1 33 ASP 33 31 31 ASP ASP A . n 
A 1 34 PRO 34 32 32 PRO PRO A . n 
A 1 35 ARG 35 33 33 ARG ARG A . n 
A 1 36 SER 36 34 34 SER SER A . n 
A 1 37 ALA 37 35 35 ALA ALA A . n 
A 1 38 GLU 38 36 36 GLU GLU A . n 
A 1 39 ALA 39 37 37 ALA ALA A . n 
A 1 40 TRP 40 38 38 TRP TRP A . n 
A 1 41 TYR 41 39 39 TYR TYR A . n 
A 1 42 ASN 42 40 40 ASN ASN A . n 
A 1 43 LEU 43 41 41 LEU LEU A . n 
A 1 44 GLY 44 42 42 GLY GLY A . n 
A 1 45 ASN 45 43 43 ASN ASN A . n 
A 1 46 ALA 46 44 44 ALA ALA A . n 
A 1 47 TYR 47 45 45 TYR TYR A . n 
A 1 48 TYR 48 46 46 TYR TYR A . n 
A 1 49 LYS 49 47 47 LYS LYS A . n 
A 1 50 GLN 50 48 48 GLN GLN A . n 
A 1 51 GLY 51 49 49 GLY GLY A . n 
A 1 52 ASP 52 50 50 ASP ASP A . n 
A 1 53 TYR 53 51 51 TYR TYR A . n 
A 1 54 ASP 54 52 52 ASP ASP A . n 
A 1 55 GLU 55 53 53 GLU GLU A . n 
A 1 56 ALA 56 54 54 ALA ALA A . n 
A 1 57 ILE 57 55 55 ILE ILE A . n 
A 1 58 GLU 58 56 56 GLU GLU A . n 
A 1 59 TYR 59 57 57 TYR TYR A . n 
A 1 60 TYR 60 58 58 TYR TYR A . n 
A 1 61 GLN 61 59 59 GLN GLN A . n 
A 1 62 LYS 62 60 60 LYS LYS A . n 
A 1 63 ALA 63 61 61 ALA ALA A . n 
A 1 64 LEU 64 62 62 LEU LEU A . n 
A 1 65 GLU 65 63 63 GLU GLU A . n 
A 1 66 LEU 66 64 64 LEU LEU A . n 
A 1 67 ASP 67 65 65 ASP ASP A . n 
A 1 68 PRO 68 66 66 PRO PRO A . n 
A 1 69 ARG 69 67 67 ARG ARG A . n 
A 1 70 SER 70 68 68 SER SER A . n 
# 
loop_
_pdbx_nonpoly_scheme.asym_id 
_pdbx_nonpoly_scheme.entity_id 
_pdbx_nonpoly_scheme.mon_id 
_pdbx_nonpoly_scheme.ndb_seq_num 
_pdbx_nonpoly_scheme.pdb_seq_num 
_pdbx_nonpoly_scheme.auth_seq_num 
_pdbx_nonpoly_scheme.pdb_mon_id 
_pdbx_nonpoly_scheme.auth_mon_id 
_pdbx_nonpoly_scheme.pdb_strand_id 
_pdbx_nonpoly_scheme.pdb_ins_code 
B 2 CD  1  102 102 CD  CD  A . 
C 2 CD  1  202 202 CD  CD  A . 
D 3 HOH 1  203 1   HOH HOH A . 
D 3 HOH 2  204 2   HOH HOH A . 
D 3 HOH 3  205 6   HOH HOH A . 
D 3 HOH 4  206 7   HOH HOH A . 
D 3 HOH 5  207 11  HOH HOH A . 
D 3 HOH 6  208 12  HOH HOH A . 
D 3 HOH 7  209 13  HOH HOH A . 
D 3 HOH 8  210 22  HOH HOH A . 
D 3 HOH 9  211 23  HOH HOH A . 
D 3 HOH 10 212 30  HOH HOH A . 
D 3 HOH 11 213 34  HOH HOH A . 
D 3 HOH 12 214 37  HOH HOH A . 
D 3 HOH 13 215 38  HOH HOH A . 
D 3 HOH 14 216 41  HOH HOH A . 
D 3 HOH 15 217 42  HOH HOH A . 
D 3 HOH 16 218 47  HOH HOH A . 
D 3 HOH 17 219 53  HOH HOH A . 
D 3 HOH 18 220 56  HOH HOH A . 
D 3 HOH 19 221 57  HOH HOH A . 
D 3 HOH 20 222 58  HOH HOH A . 
D 3 HOH 21 223 59  HOH HOH A . 
D 3 HOH 22 224 61  HOH HOH A . 
D 3 HOH 23 225 64  HOH HOH A . 
D 3 HOH 24 226 70  HOH HOH A . 
# 
loop_
_pdbx_unobs_or_zero_occ_atoms.id 
_pdbx_unobs_or_zero_occ_atoms.PDB_model_num 
_pdbx_unobs_or_zero_occ_atoms.polymer_flag 
_pdbx_unobs_or_zero_occ_atoms.occupancy_flag 
_pdbx_unobs_or_zero_occ_atoms.auth_asym_id 
_pdbx_unobs_or_zero_occ_atoms.auth_comp_id 
_pdbx_unobs_or_zero_occ_atoms.auth_seq_id 
_pdbx_unobs_or_zero_occ_atoms.PDB_ins_code 
_pdbx_unobs_or_zero_occ_atoms.auth_atom_id 
_pdbx_unobs_or_zero_occ_atoms.label_alt_id 
_pdbx_unobs_or_zero_occ_atoms.label_asym_id 
_pdbx_unobs_or_zero_occ_atoms.label_comp_id 
_pdbx_unobs_or_zero_occ_atoms.label_seq_id 
_pdbx_unobs_or_zero_occ_atoms.label_atom_id 
1  1 Y 0 A GLU 2  ? OE1 ? A GLU 4  OE1 
2  1 Y 0 A GLN 14 ? NE2 ? A GLN 16 NE2 
3  1 Y 0 A ASP 18 ? OD2 ? A ASP 20 OD2 
4  1 Y 1 A LYS 26 ? CG  ? A LYS 28 CG  
5  1 Y 1 A LYS 26 ? CD  ? A LYS 28 CD  
6  1 Y 1 A LYS 26 ? CE  ? A LYS 28 CE  
7  1 Y 1 A LYS 26 ? NZ  ? A LYS 28 NZ  
8  1 Y 1 A GLU 29 ? CG  ? A GLU 31 CG  
9  1 Y 1 A GLU 29 ? CD  ? A GLU 31 CD  
10 1 Y 1 A GLU 29 ? OE1 ? A GLU 31 OE1 
11 1 Y 1 A GLU 29 ? OE2 ? A GLU 31 OE2 
12 1 Y 1 A ARG 33 ? CG  ? A ARG 35 CG  
13 1 Y 1 A ARG 33 ? CD  ? A ARG 35 CD  
14 1 Y 1 A ARG 33 ? NE  ? A ARG 35 NE  
15 1 Y 1 A ARG 33 ? CZ  ? A ARG 35 CZ  
16 1 Y 1 A ARG 33 ? NH1 ? A ARG 35 NH1 
17 1 Y 1 A ARG 33 ? NH2 ? A ARG 35 NH2 
18 1 Y 1 A GLU 36 ? CG  ? A GLU 38 CG  
19 1 Y 1 A GLU 36 ? CD  ? A GLU 38 CD  
20 1 Y 1 A GLU 36 ? OE1 ? A GLU 38 OE1 
21 1 Y 1 A GLU 36 ? OE2 ? A GLU 38 OE2 
22 1 Y 0 A ASN 40 ? ND2 ? A ASN 42 ND2 
23 1 Y 1 A ASP 52 ? CG  ? A ASP 54 CG  
24 1 Y 1 A ASP 52 ? OD1 ? A ASP 54 OD1 
25 1 Y 1 A ASP 52 ? OD2 ? A ASP 54 OD2 
26 1 Y 0 A LYS 60 ? NZ  ? A LYS 62 NZ  
27 1 Y 0 A LEU 64 ? CD1 ? A LEU 66 CD1 
28 1 Y 0 A LEU 64 ? CD2 ? A LEU 66 CD2 
# 
loop_
_software.name 
_software.version 
_software.date 
_software.type 
_software.contact_author 
_software.contact_author_email 
_software.classification 
_software.location 
_software.language 
_software.citation_id 
_software.pdbx_ordinal 
RESOLVE     2.02   08-Feb-2001     ?       'Terwilliger, T. C' terwilliger@LANL.gov     phasing           
http://www.solve.lanl.gov/       ?       ? 1 
REFMAC      5.1.24 ?               ?       'Murshudov, G.N.'   ccp4@dl.ac.uk            refinement        
http://www.ccp4.ac.uk/main.html  Fortran ? 2 
PDB_EXTRACT 1.700  'May. 30, 2005' package PDB                 sw-help@rcsb.rutgers.edu 'data extraction' 
http://pdb.rutgers.edu/software/ C++     ? 3 
HKL-2000    .      ?               ?       ?                   ?                        'data reduction'  ? ?       ? 4 
SCALEPACK   .      ?               ?       ?                   ?                        'data scaling'    ? ?       ? 5 
SOLVE       .      ?               ?       ?                   ?                        phasing           ? ?       ? 6 
# 
_cell.entry_id           2AVP 
_cell.length_a           54.245 
_cell.length_b           54.245 
_cell.length_c           71.782 
_cell.angle_alpha        90.00 
_cell.angle_beta         90.00 
_cell.angle_gamma        90.00 
_cell.Z_PDB              8 
_cell.pdbx_unique_axis   ? 
_cell.length_a_esd       ? 
_cell.length_b_esd       ? 
_cell.length_c_esd       ? 
_cell.angle_alpha_esd    ? 
_cell.angle_beta_esd     ? 
_cell.angle_gamma_esd    ? 
# 
_symmetry.entry_id                         2AVP 
_symmetry.space_group_name_H-M             'P 41 21 2' 
_symmetry.pdbx_full_space_group_name_H-M   ? 
_symmetry.cell_setting                     ? 
_symmetry.Int_Tables_number                92 
_symmetry.space_group_name_Hall            ? 
# 
_exptl.entry_id          2AVP 
_exptl.crystals_number   1 
_exptl.method            'X-RAY DIFFRACTION' 
# 
_exptl_crystal.id                    1 
_exptl_crystal.density_Matthews      3.3 
_exptl_crystal.density_meas          ? 
_exptl_crystal.density_percent_sol   62.7 
_exptl_crystal.description           ? 
_exptl_crystal.F_000                 ? 
_exptl_crystal.preparation           ? 
# 
_exptl_crystal_grow.crystal_id      1 
_exptl_crystal_grow.method          'VAPOR DIFFUSION' 
_exptl_crystal_grow.pH              5.0 
_exptl_crystal_grow.temp            295 
_exptl_crystal_grow.temp_details    ? 
_exptl_crystal_grow.pdbx_details    'MPD, CdCl2, NaAcetate, NaCl, pH 5.0, VAPOR DIFFUSION, temperature 295K' 
_exptl_crystal_grow.pdbx_pH_range   . 
# 
_diffrn.id                     1 
_diffrn.ambient_temp           100 
_diffrn.ambient_temp_details   ? 
_diffrn.crystal_id             1 
# 
_diffrn_detector.diffrn_id              1 
_diffrn_detector.detector               CCD 
_diffrn_detector.type                   'ADSC QUANTUM 4' 
_diffrn_detector.pdbx_collection_date   2004-08-06 
_diffrn_detector.details                ? 
# 
_diffrn_radiation.diffrn_id                        1 
_diffrn_radiation.wavelength_id                    1 
_diffrn_radiation.pdbx_diffrn_protocol             'SINGLE WAVELENGTH' 
_diffrn_radiation.monochromator                    'Si 111 CHANNEL' 
_diffrn_radiation.pdbx_monochromatic_or_laue_m_l   M 
_diffrn_radiation.pdbx_scattering_type             x-ray 
# 
_diffrn_radiation_wavelength.id           1 
_diffrn_radiation_wavelength.wavelength   1.60 
_diffrn_radiation_wavelength.wt           1.0 
# 
_diffrn_source.diffrn_id                   1 
_diffrn_source.source                      SYNCHROTRON 
_diffrn_source.type                        'NSLS BEAMLINE X6A' 
_diffrn_source.pdbx_wavelength             ? 
_diffrn_source.pdbx_wavelength_list        1.60 
_diffrn_source.pdbx_synchrotron_site       NSLS 
_diffrn_source.pdbx_synchrotron_beamline   X6A 
# 
_reflns.entry_id                     2AVP 
_reflns.observed_criterion_sigma_F   0 
_reflns.observed_criterion_sigma_I   -3 
_reflns.d_resolution_high            2.04 
_reflns.d_resolution_low             29.9 
_reflns.number_all                   ? 
_reflns.number_obs                   12784 
_reflns.percent_possible_obs         97.8 
_reflns.pdbx_Rmerge_I_obs            ? 
_reflns.pdbx_Rsym_value              0.037 
_reflns.pdbx_netI_over_sigmaI        ? 
_reflns.B_iso_Wilson_estimate        ? 
_reflns.pdbx_redundancy              ? 
_reflns.R_free_details               ? 
_reflns.limit_h_max                  ? 
_reflns.limit_h_min                  ? 
_reflns.limit_k_max                  ? 
_reflns.limit_k_min                  ? 
_reflns.limit_l_max                  ? 
_reflns.limit_l_min                  ? 
_reflns.observed_criterion_F_max     ? 
_reflns.observed_criterion_F_min     ? 
_reflns.pdbx_chi_squared             ? 
_reflns.pdbx_scaling_rejects         ? 
_reflns.pdbx_ordinal                 1 
_reflns.pdbx_diffrn_id               1 
# 
_reflns_shell.d_res_high             2.04 
_reflns_shell.d_res_low              2.11 
_reflns_shell.percent_possible_obs   ? 
_reflns_shell.percent_possible_all   94.1 
_reflns_shell.Rmerge_I_obs           ? 
_reflns_shell.meanI_over_sigI_obs    7.7 
_reflns_shell.pdbx_Rsym_value        0.237 
_reflns_shell.pdbx_redundancy        ? 
_reflns_shell.number_unique_all      ? 
_reflns_shell.number_measured_all    ? 
_reflns_shell.number_measured_obs    ? 
_reflns_shell.number_unique_obs      ? 
_reflns_shell.pdbx_chi_squared       ? 
_reflns_shell.pdbx_ordinal           1 
_reflns_shell.pdbx_diffrn_id         1 
# 
_refine.ls_d_res_high                            2.040 
_refine.ls_d_res_low                             29.9 
_refine.pdbx_ls_sigma_F                          0.00 
_refine.ls_percent_reflns_obs                    95.520 
_refine.ls_number_reflns_obs                     6934 
_refine.pdbx_ls_cross_valid_method               THROUGHOUT 
_refine.pdbx_R_Free_selection_details            RANDOM 
_refine.details                                  'HYDROGENS HAVE BEEN ADDED IN THE RIDING POSITIONS' 
_refine.ls_R_factor_all                          0.205 
_refine.ls_R_factor_R_work                       0.201 
_refine.ls_R_factor_R_free                       0.241 
_refine.ls_percent_reflns_R_free                 10.000 
_refine.ls_number_reflns_R_free                  690 
_refine.B_iso_mean                               35.113 
_refine.aniso_B[1][1]                            0.570 
_refine.aniso_B[2][2]                            0.570 
_refine.aniso_B[3][3]                            -1.150 
_refine.aniso_B[1][2]                            0.000 
_refine.aniso_B[1][3]                            0.000 
_refine.aniso_B[2][3]                            0.000 
_refine.correlation_coeff_Fo_to_Fc               0.948 
_refine.correlation_coeff_Fo_to_Fc_free          0.929 
_refine.pdbx_overall_ESU_R                       0.164 
_refine.pdbx_overall_ESU_R_Free                  0.157 
_refine.overall_SU_ML                            0.098 
_refine.overall_SU_B                             3.529 
_refine.solvent_model_details                    'BABINET MODEL WITH MASK' 
_refine.pdbx_solvent_vdw_probe_radii             1.400 
_refine.pdbx_solvent_ion_probe_radii             0.800 
_refine.pdbx_solvent_shrinkage_radii             0.800 
_refine.pdbx_stereochemistry_target_values       'MAXIMUM LIKELIHOOD' 
_refine.entry_id                                 2AVP 
_refine.pdbx_ls_sigma_I                          ? 
_refine.ls_number_reflns_all                     ? 
_refine.ls_R_factor_obs                          0.205 
_refine.ls_redundancy_reflns_obs                 ? 
_refine.pdbx_data_cutoff_high_absF               ? 
_refine.pdbx_data_cutoff_low_absF                ? 
_refine.ls_number_parameters                     ? 
_refine.ls_number_restraints                     ? 
_refine.ls_R_factor_R_free_error                 ? 
_refine.ls_R_factor_R_free_error_details         ? 
_refine.pdbx_method_to_determine_struct          SAD 
_refine.pdbx_starting_model                      ? 
_refine.pdbx_stereochem_target_val_spec_case     ? 
_refine.solvent_model_param_bsol                 ? 
_refine.solvent_model_param_ksol                 ? 
_refine.occupancy_max                            ? 
_refine.occupancy_min                            ? 
_refine.pdbx_isotropic_thermal_model             ? 
_refine.B_iso_min                                ? 
_refine.B_iso_max                                ? 
_refine.overall_SU_R_Cruickshank_DPI             ? 
_refine.overall_SU_R_free                        ? 
_refine.pdbx_data_cutoff_high_rms_absF           ? 
_refine.ls_wR_factor_R_free                      ? 
_refine.ls_wR_factor_R_work                      ? 
_refine.overall_FOM_free_R_set                   ? 
_refine.overall_FOM_work_R_set                   ? 
_refine.pdbx_refine_id                           'X-RAY DIFFRACTION' 
_refine.pdbx_overall_phase_error                 ? 
_refine.pdbx_TLS_residual_ADP_flag               'LIKELY RESIDUAL' 
_refine.pdbx_diffrn_id                           1 
_refine.pdbx_overall_SU_R_free_Cruickshank_DPI   ? 
_refine.pdbx_overall_SU_R_Blow_DPI               ? 
_refine.pdbx_overall_SU_R_free_Blow_DPI          ? 
# 
_refine_hist.pdbx_refine_id                   'X-RAY DIFFRACTION' 
_refine_hist.cycle_id                         LAST 
_refine_hist.pdbx_number_atoms_protein        554 
_refine_hist.pdbx_number_atoms_nucleic_acid   0 
_refine_hist.pdbx_number_atoms_ligand         2 
_refine_hist.number_atoms_solvent             24 
_refine_hist.number_atoms_total               580 
_refine_hist.d_res_high                       2.040 
_refine_hist.d_res_low                        29.9 
# 
loop_
_refine_ls_restr.type 
_refine_ls_restr.number 
_refine_ls_restr.dev_ideal 
_refine_ls_restr.dev_ideal_target 
_refine_ls_restr.weight 
_refine_ls_restr.pdbx_refine_id 
_refine_ls_restr.pdbx_restraint_function 
r_bond_refined_d         564  0.027 0.021 ? 'X-RAY DIFFRACTION' ? 
r_bond_other_d           445  0.002 0.020 ? 'X-RAY DIFFRACTION' ? 
r_angle_refined_deg      767  2.026 1.933 ? 'X-RAY DIFFRACTION' ? 
r_angle_other_deg        1034 1.115 3.000 ? 'X-RAY DIFFRACTION' ? 
r_dihedral_angle_1_deg   67   5.940 5.000 ? 'X-RAY DIFFRACTION' ? 
r_chiral_restr           71   0.158 0.200 ? 'X-RAY DIFFRACTION' ? 
r_gen_planes_refined     656  0.011 0.020 ? 'X-RAY DIFFRACTION' ? 
r_gen_planes_other       127  0.001 0.020 ? 'X-RAY DIFFRACTION' ? 
r_nbd_refined            129  0.233 0.200 ? 'X-RAY DIFFRACTION' ? 
r_nbd_other              457  0.260 0.200 ? 'X-RAY DIFFRACTION' ? 
r_nbtor_other            283  0.093 0.200 ? 'X-RAY DIFFRACTION' ? 
r_xyhbond_nbd_refined    15   0.326 0.200 ? 'X-RAY DIFFRACTION' ? 
r_metal_ion_refined      1    0.090 0.200 ? 'X-RAY DIFFRACTION' ? 
r_symmetry_vdw_refined   19   0.559 0.200 ? 'X-RAY DIFFRACTION' ? 
r_symmetry_vdw_other     23   0.223 0.200 ? 'X-RAY DIFFRACTION' ? 
r_symmetry_hbond_refined 6    0.717 0.200 ? 'X-RAY DIFFRACTION' ? 
r_mcbond_it              338  3.564 2.000 ? 'X-RAY DIFFRACTION' ? 
r_mcangle_it             523  4.819 3.000 ? 'X-RAY DIFFRACTION' ? 
r_scbond_it              226  7.342 4.000 ? 'X-RAY DIFFRACTION' ? 
r_scangle_it             244  9.257 6.000 ? 'X-RAY DIFFRACTION' ? 
# 
_refine_ls_shell.d_res_high                       2.040 
_refine_ls_shell.d_res_low                        2.093 
_refine_ls_shell.pdbx_total_number_of_bins_used   20 
_refine_ls_shell.percent_reflns_obs               ? 
_refine_ls_shell.number_reflns_R_work             404 
_refine_ls_shell.R_factor_R_work                  0.221 
_refine_ls_shell.R_factor_R_free                  0.219 
_refine_ls_shell.percent_reflns_R_free            ? 
_refine_ls_shell.number_reflns_R_free             52 
_refine_ls_shell.R_factor_R_free_error            ? 
_refine_ls_shell.number_reflns_all                456 
_refine_ls_shell.number_reflns_obs                ? 
_refine_ls_shell.redundancy_reflns_obs            ? 
_refine_ls_shell.pdbx_refine_id                   'X-RAY DIFFRACTION' 
_refine_ls_shell.R_factor_all                     ? 
# 
_struct.entry_id                  2AVP 
_struct.title                     'Crystal structure of an 8 repeat consensus TPR superhelix' 
_struct.pdbx_model_details        ? 
_struct.pdbx_CASP_flag            ? 
_struct.pdbx_model_type_details   ? 
# 
_struct_keywords.entry_id        2AVP 
_struct_keywords.pdbx_keywords   'DE NOVO PROTEIN' 
_struct_keywords.text            'tetratricopeptide repeat, TPR, consensus protein, superhelix, DE NOVO PROTEIN' 
# 
loop_
_struct_asym.id 
_struct_asym.pdbx_blank_PDB_chainid_flag 
_struct_asym.pdbx_modified 
_struct_asym.entity_id 
_struct_asym.details 
A N N 1 ? 
B N N 2 ? 
C N N 2 ? 
D N N 3 ? 
# 
_struct_ref.id                         1 
_struct_ref.entity_id                  1 
_struct_ref.db_name                    PDB 
_struct_ref.db_code                    2AVP 
_struct_ref.pdbx_db_accession          2AVP 
_struct_ref.pdbx_align_begin           ? 
_struct_ref.pdbx_seq_one_letter_code   ? 
_struct_ref.pdbx_db_isoform            ? 
# 
_struct_ref_seq.align_id                      1 
_struct_ref_seq.ref_id                        1 
_struct_ref_seq.pdbx_PDB_id_code              2AVP 
_struct_ref_seq.pdbx_strand_id                A 
_struct_ref_seq.seq_align_beg                 1 
_struct_ref_seq.pdbx_seq_align_beg_ins_code   ? 
_struct_ref_seq.seq_align_end                 70 
_struct_ref_seq.pdbx_seq_align_end_ins_code   ? 
_struct_ref_seq.pdbx_db_accession             2AVP 
_struct_ref_seq.db_align_beg                  -1 
_struct_ref_seq.pdbx_db_align_beg_ins_code    ? 
_struct_ref_seq.db_align_end                  68 
_struct_ref_seq.pdbx_db_align_end_ins_code    ? 
_struct_ref_seq.pdbx_auth_seq_align_beg       -1 
_struct_ref_seq.pdbx_auth_seq_align_end       68 
# 
_pdbx_struct_assembly.id                   1 
_pdbx_struct_assembly.details              author_defined_assembly 
_pdbx_struct_assembly.method_details       ? 
_pdbx_struct_assembly.oligomeric_details   tetrameric 
_pdbx_struct_assembly.oligomeric_count     4 
# 
_pdbx_struct_assembly_gen.assembly_id       1 
_pdbx_struct_assembly_gen.oper_expression   1,2,3,4 
_pdbx_struct_assembly_gen.asym_id_list      A,B,C,D 
# 
loop_
_pdbx_struct_oper_list.id 
_pdbx_struct_oper_list.type 
_pdbx_struct_oper_list.name 
_pdbx_struct_oper_list.symmetry_operation 
_pdbx_struct_oper_list.matrix[1][1] 
_pdbx_struct_oper_list.matrix[1][2] 
_pdbx_struct_oper_list.matrix[1][3] 
_pdbx_struct_oper_list.vector[1] 
_pdbx_struct_oper_list.matrix[2][1] 
_pdbx_struct_oper_list.matrix[2][2] 
_pdbx_struct_oper_list.matrix[2][3] 
_pdbx_struct_oper_list.vector[2] 
_pdbx_struct_oper_list.matrix[3][1] 
_pdbx_struct_oper_list.matrix[3][2] 
_pdbx_struct_oper_list.matrix[3][3] 
_pdbx_struct_oper_list.vector[3] 
1 'identity operation'         1_555 x,y,z              1.0000000000  0.0000000000  0.0000000000  0.0000000000   0.0000000000  1.0000000000 0.0000000000 0.0000000000  0.0000000000  0.0000000000 1.0000000000  0.0000000000  
2 'crystal symmetry operation' 2_654 -x+1,-y,z-1/2      -0.9757417997 -0.1951717609 -0.0991762274 -6.3448545784  -0.1951717609 0.5702737949 0.7979321917 21.5860775993 -0.0991762274 0.7979321917 -0.5945319952 35.6799377546 
3 'crystal symmetry operation' 3_544 -y+1/2,x-1/2,z-3/4 0.0121291001  0.3526740472  -0.9356676233 3.8227761439   -0.5478458080 0.7851368975 0.2888339019 43.1316565124 0.8364913960  0.5090982898 0.2027340024  35.6226097129 
4 'crystal symmetry operation' 4_554 y+1/2,-x+1/2,z-1/4 0.0121291001  -0.5478458080 0.8364913960  -14.1203852960 0.3526740472  0.7851368975 0.5090982898 10.2567007684 -0.9356676233 0.2888339019 0.2027340024  16.2176071030 
# 
_struct_biol.id   1 
# 
loop_
_struct_conf.conf_type_id 
_struct_conf.id 
_struct_conf.pdbx_PDB_helix_id 
_struct_conf.beg_label_comp_id 
_struct_conf.beg_label_asym_id 
_struct_conf.beg_label_seq_id 
_struct_conf.pdbx_beg_PDB_ins_code 
_struct_conf.end_label_comp_id 
_struct_conf.end_label_asym_id 
_struct_conf.end_label_seq_id 
_struct_conf.pdbx_end_PDB_ins_code 
_struct_conf.beg_auth_comp_id 
_struct_conf.beg_auth_asym_id 
_struct_conf.beg_auth_seq_id 
_struct_conf.end_auth_comp_id 
_struct_conf.end_auth_asym_id 
_struct_conf.end_auth_seq_id 
_struct_conf.pdbx_PDB_helix_class 
_struct_conf.details 
_struct_conf.pdbx_PDB_helix_length 
HELX_P HELX_P1 1 ALA A 3  ? GLN A 16 ? ALA A 1  GLN A 14 1 ? 14 
HELX_P HELX_P2 2 ASP A 18 ? ASP A 33 ? ASP A 16 ASP A 31 1 ? 16 
HELX_P HELX_P3 3 SER A 36 ? GLY A 51 ? SER A 34 GLY A 49 1 ? 16 
HELX_P HELX_P4 4 ASP A 52 ? ASP A 67 ? ASP A 50 ASP A 65 1 ? 16 
# 
_struct_conf_type.id          HELX_P 
_struct_conf_type.criteria    ? 
_struct_conf_type.reference   ? 
# 
loop_
_struct_conn.id 
_struct_conn.conn_type_id 
_struct_conn.pdbx_leaving_atom_flag 
_struct_conn.pdbx_PDB_id 
_struct_conn.ptnr1_label_asym_id 
_struct_conn.ptnr1_label_comp_id 
_struct_conn.ptnr1_label_seq_id 
_struct_conn.ptnr1_label_atom_id 
_struct_conn.pdbx_ptnr1_label_alt_id 
_struct_conn.pdbx_ptnr1_PDB_ins_code 
_struct_conn.pdbx_ptnr1_standard_comp_id 
_struct_conn.ptnr1_symmetry 
_struct_conn.ptnr2_label_asym_id 
_struct_conn.ptnr2_label_comp_id 
_struct_conn.ptnr2_label_seq_id 
_struct_conn.ptnr2_label_atom_id 
_struct_conn.pdbx_ptnr2_label_alt_id 
_struct_conn.pdbx_ptnr2_PDB_ins_code 
_struct_conn.ptnr1_auth_asym_id 
_struct_conn.ptnr1_auth_comp_id 
_struct_conn.ptnr1_auth_seq_id 
_struct_conn.ptnr2_auth_asym_id 
_struct_conn.ptnr2_auth_comp_id 
_struct_conn.ptnr2_auth_seq_id 
_struct_conn.ptnr2_symmetry 
_struct_conn.pdbx_ptnr3_label_atom_id 
_struct_conn.pdbx_ptnr3_label_seq_id 
_struct_conn.pdbx_ptnr3_label_comp_id 
_struct_conn.pdbx_ptnr3_label_asym_id 
_struct_conn.pdbx_ptnr3_label_alt_id 
_struct_conn.pdbx_ptnr3_PDB_ins_code 
_struct_conn.details 
_struct_conn.pdbx_dist_value 
_struct_conn.pdbx_value_order 
_struct_conn.pdbx_role 
metalc1  metalc ? ? A ASP 20 OD1 ? ? ? 1_555 B CD  . CD ? ? A ASP 18  A CD  102 1_555 ? ? ? ? ? ? ? 3.092 ? ? 
metalc2  metalc ? ? A ASP 20 OD2 ? ? ? 1_555 B CD  . CD ? ? A ASP 18  A CD  102 1_555 ? ? ? ? ? ? ? 2.254 ? ? 
metalc3  metalc ? ? A GLU 21 OE1 ? ? ? 1_555 B CD  . CD ? ? A GLU 19  A CD  102 1_555 ? ? ? ? ? ? ? 2.516 ? ? 
metalc4  metalc ? ? A GLU 21 OE2 ? ? ? 1_555 B CD  . CD ? ? A GLU 19  A CD  102 1_555 ? ? ? ? ? ? ? 2.736 ? ? 
metalc5  metalc ? ? A ASP 52 OD1 ? ? ? 1_555 C CD  . CD ? ? A ASP 50  A CD  202 1_555 ? ? ? ? ? ? ? 2.776 ? ? 
metalc6  metalc ? ? A ASP 52 OD2 ? ? ? 1_555 C CD  . CD ? ? A ASP 50  A CD  202 1_555 ? ? ? ? ? ? ? 2.415 ? ? 
metalc7  metalc ? ? A ASP 52 OD1 ? ? ? 7_557 C CD  . CD ? ? A ASP 50  A CD  202 1_555 ? ? ? ? ? ? ? 2.766 ? ? 
metalc8  metalc ? ? A ASP 52 OD2 ? ? ? 7_557 C CD  . CD ? ? A ASP 50  A CD  202 1_555 ? ? ? ? ? ? ? 2.412 ? ? 
metalc9  metalc ? ? A GLU 55 OE1 ? ? ? 1_555 C CD  . CD ? ? A GLU 53  A CD  202 1_555 ? ? ? ? ? ? ? 2.472 ? ? 
metalc10 metalc ? ? A GLU 55 OE1 ? ? ? 7_557 C CD  . CD ? ? A GLU 53  A CD  202 1_555 ? ? ? ? ? ? ? 2.480 ? ? 
metalc11 metalc ? ? A GLU 65 OE2 ? ? ? 6_556 B CD  . CD ? ? A GLU 63  A CD  102 1_555 ? ? ? ? ? ? ? 2.567 ? ? 
metalc12 metalc ? ? A GLU 65 OE1 ? ? ? 6_556 B CD  . CD ? ? A GLU 63  A CD  102 1_555 ? ? ? ? ? ? ? 2.803 ? ? 
metalc13 metalc ? ? B CD  .  CD  ? ? ? 1_555 D HOH . O  ? ? A CD  102 A HOH 204 1_555 ? ? ? ? ? ? ? 2.841 ? ? 
metalc14 metalc ? ? B CD  .  CD  ? ? ? 1_555 D HOH . O  ? ? A CD  102 A HOH 208 1_555 ? ? ? ? ? ? ? 2.110 ? ? 
# 
_struct_conn_type.id          metalc 
_struct_conn_type.criteria    ? 
_struct_conn_type.reference   ? 
# 
loop_
_pdbx_struct_conn_angle.id 
_pdbx_struct_conn_angle.ptnr1_label_atom_id 
_pdbx_struct_conn_angle.ptnr1_label_alt_id 
_pdbx_struct_conn_angle.ptnr1_label_asym_id 
_pdbx_struct_conn_angle.ptnr1_label_comp_id 
_pdbx_struct_conn_angle.ptnr1_label_seq_id 
_pdbx_struct_conn_angle.ptnr1_auth_atom_id 
_pdbx_struct_conn_angle.ptnr1_auth_asym_id 
_pdbx_struct_conn_angle.ptnr1_auth_comp_id 
_pdbx_struct_conn_angle.ptnr1_auth_seq_id 
_pdbx_struct_conn_angle.ptnr1_PDB_ins_code 
_pdbx_struct_conn_angle.ptnr1_symmetry 
_pdbx_struct_conn_angle.ptnr2_label_atom_id 
_pdbx_struct_conn_angle.ptnr2_label_alt_id 
_pdbx_struct_conn_angle.ptnr2_label_asym_id 
_pdbx_struct_conn_angle.ptnr2_label_comp_id 
_pdbx_struct_conn_angle.ptnr2_label_seq_id 
_pdbx_struct_conn_angle.ptnr2_auth_atom_id 
_pdbx_struct_conn_angle.ptnr2_auth_asym_id 
_pdbx_struct_conn_angle.ptnr2_auth_comp_id 
_pdbx_struct_conn_angle.ptnr2_auth_seq_id 
_pdbx_struct_conn_angle.ptnr2_PDB_ins_code 
_pdbx_struct_conn_angle.ptnr2_symmetry 
_pdbx_struct_conn_angle.ptnr3_label_atom_id 
_pdbx_struct_conn_angle.ptnr3_label_alt_id 
_pdbx_struct_conn_angle.ptnr3_label_asym_id 
_pdbx_struct_conn_angle.ptnr3_label_comp_id 
_pdbx_struct_conn_angle.ptnr3_label_seq_id 
_pdbx_struct_conn_angle.ptnr3_auth_atom_id 
_pdbx_struct_conn_angle.ptnr3_auth_asym_id 
_pdbx_struct_conn_angle.ptnr3_auth_comp_id 
_pdbx_struct_conn_angle.ptnr3_auth_seq_id 
_pdbx_struct_conn_angle.ptnr3_PDB_ins_code 
_pdbx_struct_conn_angle.ptnr3_symmetry 
_pdbx_struct_conn_angle.value 
_pdbx_struct_conn_angle.value_esd 
1  OD1 ? A ASP 20 ? A ASP 18  ? 1_555 CD ? B CD . ? A CD 102 ? 1_555 OD2 ? A ASP 20 ? A ASP 18  ? 1_555 45.4  ? 
2  OD1 ? A ASP 20 ? A ASP 18  ? 1_555 CD ? B CD . ? A CD 102 ? 1_555 OE1 ? A GLU 21 ? A GLU 19  ? 1_555 88.2  ? 
3  OD2 ? A ASP 20 ? A ASP 18  ? 1_555 CD ? B CD . ? A CD 102 ? 1_555 OE1 ? A GLU 21 ? A GLU 19  ? 1_555 92.6  ? 
4  OD1 ? A ASP 20 ? A ASP 18  ? 1_555 CD ? B CD . ? A CD 102 ? 1_555 OE2 ? A GLU 21 ? A GLU 19  ? 1_555 116.1 ? 
5  OD2 ? A ASP 20 ? A ASP 18  ? 1_555 CD ? B CD . ? A CD 102 ? 1_555 OE2 ? A GLU 21 ? A GLU 19  ? 1_555 85.6  ? 
6  OE1 ? A GLU 21 ? A GLU 19  ? 1_555 CD ? B CD . ? A CD 102 ? 1_555 OE2 ? A GLU 21 ? A GLU 19  ? 1_555 49.5  ? 
7  OD1 ? A ASP 20 ? A ASP 18  ? 1_555 CD ? B CD . ? A CD 102 ? 1_555 OE2 ? A GLU 65 ? A GLU 63  ? 6_556 127.5 ? 
8  OD2 ? A ASP 20 ? A ASP 18  ? 1_555 CD ? B CD . ? A CD 102 ? 1_555 OE2 ? A GLU 65 ? A GLU 63  ? 6_556 91.7  ? 
9  OE1 ? A GLU 21 ? A GLU 19  ? 1_555 CD ? B CD . ? A CD 102 ? 1_555 OE2 ? A GLU 65 ? A GLU 63  ? 6_556 129.2 ? 
10 OE2 ? A GLU 21 ? A GLU 19  ? 1_555 CD ? B CD . ? A CD 102 ? 1_555 OE2 ? A GLU 65 ? A GLU 63  ? 6_556 80.5  ? 
11 OD1 ? A ASP 20 ? A ASP 18  ? 1_555 CD ? B CD . ? A CD 102 ? 1_555 OE1 ? A GLU 65 ? A GLU 63  ? 6_556 102.4 ? 
12 OD2 ? A ASP 20 ? A ASP 18  ? 1_555 CD ? B CD . ? A CD 102 ? 1_555 OE1 ? A GLU 65 ? A GLU 63  ? 6_556 100.7 ? 
13 OE1 ? A GLU 21 ? A GLU 19  ? 1_555 CD ? B CD . ? A CD 102 ? 1_555 OE1 ? A GLU 65 ? A GLU 63  ? 6_556 166.6 ? 
14 OE2 ? A GLU 21 ? A GLU 19  ? 1_555 CD ? B CD . ? A CD 102 ? 1_555 OE1 ? A GLU 65 ? A GLU 63  ? 6_556 129.2 ? 
15 OE2 ? A GLU 65 ? A GLU 63  ? 6_556 CD ? B CD . ? A CD 102 ? 1_555 OE1 ? A GLU 65 ? A GLU 63  ? 6_556 49.2  ? 
16 OD1 ? A ASP 20 ? A ASP 18  ? 1_555 CD ? B CD . ? A CD 102 ? 1_555 O   ? D HOH .  ? A HOH 204 ? 1_555 41.2  ? 
17 OD2 ? A ASP 20 ? A ASP 18  ? 1_555 CD ? B CD . ? A CD 102 ? 1_555 O   ? D HOH .  ? A HOH 204 ? 1_555 81.1  ? 
18 OE1 ? A GLU 21 ? A GLU 19  ? 1_555 CD ? B CD . ? A CD 102 ? 1_555 O   ? D HOH .  ? A HOH 204 ? 1_555 108.8 ? 
19 OE2 ? A GLU 21 ? A GLU 19  ? 1_555 CD ? B CD . ? A CD 102 ? 1_555 O   ? D HOH .  ? A HOH 204 ? 1_555 154.1 ? 
20 OE2 ? A GLU 65 ? A GLU 63  ? 6_556 CD ? B CD . ? A CD 102 ? 1_555 O   ? D HOH .  ? A HOH 204 ? 1_555 121.9 ? 
21 OE1 ? A GLU 65 ? A GLU 63  ? 6_556 CD ? B CD . ? A CD 102 ? 1_555 O   ? D HOH .  ? A HOH 204 ? 1_555 75.5  ? 
22 OD1 ? A ASP 20 ? A ASP 18  ? 1_555 CD ? B CD . ? A CD 102 ? 1_555 O   ? D HOH .  ? A HOH 208 ? 1_555 108.6 ? 
23 OD2 ? A ASP 20 ? A ASP 18  ? 1_555 CD ? B CD . ? A CD 102 ? 1_555 O   ? D HOH .  ? A HOH 208 ? 1_555 153.9 ? 
24 OE1 ? A GLU 21 ? A GLU 19  ? 1_555 CD ? B CD . ? A CD 102 ? 1_555 O   ? D HOH .  ? A HOH 208 ? 1_555 87.0  ? 
25 OE2 ? A GLU 21 ? A GLU 19  ? 1_555 CD ? B CD . ? A CD 102 ? 1_555 O   ? D HOH .  ? A HOH 208 ? 1_555 113.0 ? 
26 OE2 ? A GLU 65 ? A GLU 63  ? 6_556 CD ? B CD . ? A CD 102 ? 1_555 O   ? D HOH .  ? A HOH 208 ? 1_555 108.7 ? 
27 OE1 ? A GLU 65 ? A GLU 63  ? 6_556 CD ? B CD . ? A CD 102 ? 1_555 O   ? D HOH .  ? A HOH 208 ? 1_555 81.9  ? 
28 O   ? D HOH .  ? A HOH 204 ? 1_555 CD ? B CD . ? A CD 102 ? 1_555 O   ? D HOH .  ? A HOH 208 ? 1_555 74.4  ? 
29 OD1 ? A ASP 52 ? A ASP 50  ? 1_555 CD ? C CD . ? A CD 202 ? 1_555 OD2 ? A ASP 52 ? A ASP 50  ? 1_555 49.4  ? 
30 OD1 ? A ASP 52 ? A ASP 50  ? 1_555 CD ? C CD . ? A CD 202 ? 1_555 OD1 ? A ASP 52 ? A ASP 50  ? 7_557 151.1 ? 
31 OD2 ? A ASP 52 ? A ASP 50  ? 1_555 CD ? C CD . ? A CD 202 ? 1_555 OD1 ? A ASP 52 ? A ASP 50  ? 7_557 146.2 ? 
32 OD1 ? A ASP 52 ? A ASP 50  ? 1_555 CD ? C CD . ? A CD 202 ? 1_555 OD2 ? A ASP 52 ? A ASP 50  ? 7_557 145.7 ? 
33 OD2 ? A ASP 52 ? A ASP 50  ? 1_555 CD ? C CD . ? A CD 202 ? 1_555 OD2 ? A ASP 52 ? A ASP 50  ? 7_557 138.2 ? 
34 OD1 ? A ASP 52 ? A ASP 50  ? 7_557 CD ? C CD . ? A CD 202 ? 1_555 OD2 ? A ASP 52 ? A ASP 50  ? 7_557 49.5  ? 
35 OD1 ? A ASP 52 ? A ASP 50  ? 1_555 CD ? C CD . ? A CD 202 ? 1_555 OE1 ? A GLU 55 ? A GLU 53  ? 1_555 84.7  ? 
36 OD2 ? A ASP 52 ? A ASP 50  ? 1_555 CD ? C CD . ? A CD 202 ? 1_555 OE1 ? A GLU 55 ? A GLU 53  ? 1_555 66.0  ? 
37 OD1 ? A ASP 52 ? A ASP 50  ? 7_557 CD ? C CD . ? A CD 202 ? 1_555 OE1 ? A GLU 55 ? A GLU 53  ? 1_555 86.3  ? 
38 OD2 ? A ASP 52 ? A ASP 50  ? 7_557 CD ? C CD . ? A CD 202 ? 1_555 OE1 ? A GLU 55 ? A GLU 53  ? 1_555 129.6 ? 
39 OD1 ? A ASP 52 ? A ASP 50  ? 1_555 CD ? C CD . ? A CD 202 ? 1_555 OE1 ? A GLU 55 ? A GLU 53  ? 7_557 86.0  ? 
40 OD2 ? A ASP 52 ? A ASP 50  ? 1_555 CD ? C CD . ? A CD 202 ? 1_555 OE1 ? A GLU 55 ? A GLU 53  ? 7_557 129.0 ? 
41 OD1 ? A ASP 52 ? A ASP 50  ? 7_557 CD ? C CD . ? A CD 202 ? 1_555 OE1 ? A GLU 55 ? A GLU 53  ? 7_557 84.8  ? 
42 OD2 ? A ASP 52 ? A ASP 50  ? 7_557 CD ? C CD . ? A CD 202 ? 1_555 OE1 ? A GLU 55 ? A GLU 53  ? 7_557 66.0  ? 
43 OE1 ? A GLU 55 ? A GLU 53  ? 1_555 CD ? C CD . ? A CD 202 ? 1_555 OE1 ? A GLU 55 ? A GLU 53  ? 7_557 143.0 ? 
# 
loop_
_struct_site.id 
_struct_site.pdbx_evidence_code 
_struct_site.pdbx_auth_asym_id 
_struct_site.pdbx_auth_comp_id 
_struct_site.pdbx_auth_seq_id 
_struct_site.pdbx_auth_ins_code 
_struct_site.pdbx_num_residues 
_struct_site.details 
AC1 Software A CD 102 ? 5 'BINDING SITE FOR RESIDUE CD A 102' 
AC2 Software A CD 202 ? 4 'BINDING SITE FOR RESIDUE CD A 202' 
# 
loop_
_struct_site_gen.id 
_struct_site_gen.site_id 
_struct_site_gen.pdbx_num_res 
_struct_site_gen.label_comp_id 
_struct_site_gen.label_asym_id 
_struct_site_gen.label_seq_id 
_struct_site_gen.pdbx_auth_ins_code 
_struct_site_gen.auth_comp_id 
_struct_site_gen.auth_asym_id 
_struct_site_gen.auth_seq_id 
_struct_site_gen.label_atom_id 
_struct_site_gen.label_alt_id 
_struct_site_gen.symmetry 
_struct_site_gen.details 
1 AC1 5 ASP A 20 ? ASP A 18  . ? 1_555 ? 
2 AC1 5 GLU A 21 ? GLU A 19  . ? 1_555 ? 
3 AC1 5 GLU A 65 ? GLU A 63  . ? 6_556 ? 
4 AC1 5 HOH D .  ? HOH A 204 . ? 1_555 ? 
5 AC1 5 HOH D .  ? HOH A 208 . ? 1_555 ? 
6 AC2 4 ASP A 52 ? ASP A 50  . ? 7_557 ? 
7 AC2 4 ASP A 52 ? ASP A 50  . ? 1_555 ? 
8 AC2 4 GLU A 55 ? GLU A 53  . ? 7_557 ? 
9 AC2 4 GLU A 55 ? GLU A 53  . ? 1_555 ? 
# 
loop_
_pdbx_validate_close_contact.id 
_pdbx_validate_close_contact.PDB_model_num 
_pdbx_validate_close_contact.auth_atom_id_1 
_pdbx_validate_close_contact.auth_asym_id_1 
_pdbx_validate_close_contact.auth_comp_id_1 
_pdbx_validate_close_contact.auth_seq_id_1 
_pdbx_validate_close_contact.PDB_ins_code_1 
_pdbx_validate_close_contact.label_alt_id_1 
_pdbx_validate_close_contact.auth_atom_id_2 
_pdbx_validate_close_contact.auth_asym_id_2 
_pdbx_validate_close_contact.auth_comp_id_2 
_pdbx_validate_close_contact.auth_seq_id_2 
_pdbx_validate_close_contact.PDB_ins_code_2 
_pdbx_validate_close_contact.label_alt_id_2 
_pdbx_validate_close_contact.dist 
1 1 O   A HOH 216 ? ? O A HOH 217 ? ? 1.99 
2 1 O   A HOH 204 ? ? O A HOH 210 ? ? 2.06 
3 1 OD1 A ASP 18  ? ? O A HOH 204 ? ? 2.10 
# 
loop_
_pdbx_validate_symm_contact.id 
_pdbx_validate_symm_contact.PDB_model_num 
_pdbx_validate_symm_contact.auth_atom_id_1 
_pdbx_validate_symm_contact.auth_asym_id_1 
_pdbx_validate_symm_contact.auth_comp_id_1 
_pdbx_validate_symm_contact.auth_seq_id_1 
_pdbx_validate_symm_contact.PDB_ins_code_1 
_pdbx_validate_symm_contact.label_alt_id_1 
_pdbx_validate_symm_contact.site_symmetry_1 
_pdbx_validate_symm_contact.auth_atom_id_2 
_pdbx_validate_symm_contact.auth_asym_id_2 
_pdbx_validate_symm_contact.auth_comp_id_2 
_pdbx_validate_symm_contact.auth_seq_id_2 
_pdbx_validate_symm_contact.PDB_ins_code_2 
_pdbx_validate_symm_contact.label_alt_id_2 
_pdbx_validate_symm_contact.site_symmetry_2 
_pdbx_validate_symm_contact.dist 
1 1 N  A ALA 1 ? ? 1_555 OXT A SER 68 ? ? 4_554 1.07 
2 1 CA A ALA 1 ? ? 1_555 OXT A SER 68 ? ? 4_554 1.92 
3 1 N  A ALA 1 ? ? 1_555 C   A SER 68 ? ? 4_554 1.99 
# 
loop_
_pdbx_validate_rmsd_bond.id 
_pdbx_validate_rmsd_bond.PDB_model_num 
_pdbx_validate_rmsd_bond.auth_atom_id_1 
_pdbx_validate_rmsd_bond.auth_asym_id_1 
_pdbx_validate_rmsd_bond.auth_comp_id_1 
_pdbx_validate_rmsd_bond.auth_seq_id_1 
_pdbx_validate_rmsd_bond.PDB_ins_code_1 
_pdbx_validate_rmsd_bond.label_alt_id_1 
_pdbx_validate_rmsd_bond.auth_atom_id_2 
_pdbx_validate_rmsd_bond.auth_asym_id_2 
_pdbx_validate_rmsd_bond.auth_comp_id_2 
_pdbx_validate_rmsd_bond.auth_seq_id_2 
_pdbx_validate_rmsd_bond.PDB_ins_code_2 
_pdbx_validate_rmsd_bond.label_alt_id_2 
_pdbx_validate_rmsd_bond.bond_value 
_pdbx_validate_rmsd_bond.bond_target_value 
_pdbx_validate_rmsd_bond.bond_deviation 
_pdbx_validate_rmsd_bond.bond_standard_deviation 
_pdbx_validate_rmsd_bond.linker_flag 
1 1 CD  A GLU 53 ? ? OE1 A GLU 53 ? ? 1.326 1.252 0.074 0.011 N 
2 1 CE2 A TYR 58 ? ? CD2 A TYR 58 ? ? 1.493 1.389 0.104 0.015 N 
# 
loop_
_pdbx_validate_rmsd_angle.id 
_pdbx_validate_rmsd_angle.PDB_model_num 
_pdbx_validate_rmsd_angle.auth_atom_id_1 
_pdbx_validate_rmsd_angle.auth_asym_id_1 
_pdbx_validate_rmsd_angle.auth_comp_id_1 
_pdbx_validate_rmsd_angle.auth_seq_id_1 
_pdbx_validate_rmsd_angle.PDB_ins_code_1 
_pdbx_validate_rmsd_angle.label_alt_id_1 
_pdbx_validate_rmsd_angle.auth_atom_id_2 
_pdbx_validate_rmsd_angle.auth_asym_id_2 
_pdbx_validate_rmsd_angle.auth_comp_id_2 
_pdbx_validate_rmsd_angle.auth_seq_id_2 
_pdbx_validate_rmsd_angle.PDB_ins_code_2 
_pdbx_validate_rmsd_angle.label_alt_id_2 
_pdbx_validate_rmsd_angle.auth_atom_id_3 
_pdbx_validate_rmsd_angle.auth_asym_id_3 
_pdbx_validate_rmsd_angle.auth_comp_id_3 
_pdbx_validate_rmsd_angle.auth_seq_id_3 
_pdbx_validate_rmsd_angle.PDB_ins_code_3 
_pdbx_validate_rmsd_angle.label_alt_id_3 
_pdbx_validate_rmsd_angle.angle_value 
_pdbx_validate_rmsd_angle.angle_target_value 
_pdbx_validate_rmsd_angle.angle_deviation 
_pdbx_validate_rmsd_angle.angle_standard_deviation 
_pdbx_validate_rmsd_angle.linker_flag 
1 1 OE1 A GLN 14 ? ? CD A GLN 14 ? ? NE2 A GLN 14 ? ? 108.07 121.90 -13.83 2.30 N 
2 1 CG  A GLN 14 ? ? CD A GLN 14 ? ? NE2 A GLN 14 ? ? 132.88 116.70 16.18  2.40 N 
3 1 CB  A ASP 16 ? ? CG A ASP 16 ? ? OD2 A ASP 16 ? ? 126.89 118.30 8.59   0.90 N 
4 1 CB  A ASP 31 ? ? CG A ASP 31 ? ? OD2 A ASP 31 ? ? 124.87 118.30 6.57   0.90 N 
5 1 CB  A ASP 50 ? ? CG A ASP 50 ? ? OD1 A ASP 50 ? ? 124.90 118.30 6.60   0.90 N 
6 1 CA  A SER 68 ? ? C  A SER 68 ? ? O   A SER 68 ? ? 133.44 120.10 13.34  2.10 N 
# 
loop_
_pdbx_struct_special_symmetry.id 
_pdbx_struct_special_symmetry.PDB_model_num 
_pdbx_struct_special_symmetry.auth_asym_id 
_pdbx_struct_special_symmetry.auth_comp_id 
_pdbx_struct_special_symmetry.auth_seq_id 
_pdbx_struct_special_symmetry.PDB_ins_code 
_pdbx_struct_special_symmetry.label_asym_id 
_pdbx_struct_special_symmetry.label_comp_id 
_pdbx_struct_special_symmetry.label_seq_id 
1 1 A CD  202 ? C CD  . 
2 1 A HOH 206 ? D HOH . 
# 
_pdbx_refine_tls.id               1 
_pdbx_refine_tls.details          ? 
_pdbx_refine_tls.method           refined 
_pdbx_refine_tls.origin_x         -0.1010 
_pdbx_refine_tls.origin_y         -0.1265 
_pdbx_refine_tls.origin_z         -0.0967 
_pdbx_refine_tls.T[1][1]          0.0205 
_pdbx_refine_tls.T[2][2]          0.0243 
_pdbx_refine_tls.T[3][3]          0.0435 
_pdbx_refine_tls.T[1][2]          -0.0027 
_pdbx_refine_tls.T[1][3]          0.0280 
_pdbx_refine_tls.T[2][3]          0.0075 
_pdbx_refine_tls.L[1][1]          1.1138 
_pdbx_refine_tls.L[2][2]          0.3489 
_pdbx_refine_tls.L[3][3]          0.5632 
_pdbx_refine_tls.L[1][2]          -0.6936 
_pdbx_refine_tls.L[1][3]          -0.1947 
_pdbx_refine_tls.L[2][3]          0.4025 
_pdbx_refine_tls.S[1][1]          0.0048 
_pdbx_refine_tls.S[2][2]          -0.0141 
_pdbx_refine_tls.S[3][3]          0.0093 
_pdbx_refine_tls.S[1][2]          0.0302 
_pdbx_refine_tls.S[1][3]          0.0827 
_pdbx_refine_tls.S[2][3]          -0.0685 
_pdbx_refine_tls.S[2][1]          0.0441 
_pdbx_refine_tls.S[3][1]          0.0225 
_pdbx_refine_tls.S[3][2]          -0.0293 
_pdbx_refine_tls.pdbx_refine_id   'X-RAY DIFFRACTION' 
# 
_pdbx_refine_tls_group.id                  1 
_pdbx_refine_tls_group.refine_tls_id       1 
_pdbx_refine_tls_group.beg_label_asym_id   A 
_pdbx_refine_tls_group.beg_label_seq_id    3 
_pdbx_refine_tls_group.end_label_asym_id   A 
_pdbx_refine_tls_group.end_label_seq_id    70 
_pdbx_refine_tls_group.selection           ALL 
_pdbx_refine_tls_group.beg_auth_asym_id    A 
_pdbx_refine_tls_group.beg_auth_seq_id     1 
_pdbx_refine_tls_group.end_auth_asym_id    A 
_pdbx_refine_tls_group.end_auth_seq_id     68 
_pdbx_refine_tls_group.pdbx_refine_id      'X-RAY DIFFRACTION' 
_pdbx_refine_tls_group.selection_details   ? 
# 
_pdbx_phasing_dm.entry_id          2AVP 
_pdbx_phasing_dm.fom_acentric      0.620 
_pdbx_phasing_dm.fom_centric       0.500 
_pdbx_phasing_dm.fom               0.600 
_pdbx_phasing_dm.reflns_acentric   5566 
_pdbx_phasing_dm.reflns_centric    1249 
_pdbx_phasing_dm.reflns            6815 
# 
loop_
_pdbx_phasing_dm_shell.d_res_high 
_pdbx_phasing_dm_shell.d_res_low 
_pdbx_phasing_dm_shell.delta_phi_final 
_pdbx_phasing_dm_shell.delta_phi_initial 
_pdbx_phasing_dm_shell.fom_acentric 
_pdbx_phasing_dm_shell.fom_centric 
_pdbx_phasing_dm_shell.fom 
_pdbx_phasing_dm_shell.reflns_acentric 
_pdbx_phasing_dm_shell.reflns_centric 
_pdbx_phasing_dm_shell.reflns 
5.800 29.933 ? ? 0.910 0.710 0.820 192  164 356  
3.600 5.800  ? ? 0.930 0.740 0.880 725  278 1003 
2.900 3.600  ? ? 0.840 0.560 0.780 957  244 1201 
2.600 2.900  ? ? 0.690 0.410 0.650 974  191 1165 
2.200 2.600  ? ? 0.500 0.270 0.470 1721 257 1978 
2.000 2.200  ? ? 0.290 0.140 0.280 997  115 1112 
# 
loop_
_pdbx_unobs_or_zero_occ_residues.id 
_pdbx_unobs_or_zero_occ_residues.PDB_model_num 
_pdbx_unobs_or_zero_occ_residues.polymer_flag 
_pdbx_unobs_or_zero_occ_residues.occupancy_flag 
_pdbx_unobs_or_zero_occ_residues.auth_asym_id 
_pdbx_unobs_or_zero_occ_residues.auth_comp_id 
_pdbx_unobs_or_zero_occ_residues.auth_seq_id 
_pdbx_unobs_or_zero_occ_residues.PDB_ins_code 
_pdbx_unobs_or_zero_occ_residues.label_asym_id 
_pdbx_unobs_or_zero_occ_residues.label_comp_id 
_pdbx_unobs_or_zero_occ_residues.label_seq_id 
1 1 Y 1 A GLY -1 ? A GLY 1 
2 1 Y 1 A SER 0  ? A SER 2 
# 
loop_
_chem_comp_atom.comp_id 
_chem_comp_atom.atom_id 
_chem_comp_atom.type_symbol 
_chem_comp_atom.pdbx_aromatic_flag 
_chem_comp_atom.pdbx_stereo_config 
_chem_comp_atom.pdbx_ordinal 
ALA N    N  N N 1   
ALA CA   C  N S 2   
ALA C    C  N N 3   
ALA O    O  N N 4   
ALA CB   C  N N 5   
ALA OXT  O  N N 6   
ALA H    H  N N 7   
ALA H2   H  N N 8   
ALA HA   H  N N 9   
ALA HB1  H  N N 10  
ALA HB2  H  N N 11  
ALA HB3  H  N N 12  
ALA HXT  H  N N 13  
ARG N    N  N N 14  
ARG CA   C  N S 15  
ARG C    C  N N 16  
ARG O    O  N N 17  
ARG CB   C  N N 18  
ARG CG   C  N N 19  
ARG CD   C  N N 20  
ARG NE   N  N N 21  
ARG CZ   C  N N 22  
ARG NH1  N  N N 23  
ARG NH2  N  N N 24  
ARG OXT  O  N N 25  
ARG H    H  N N 26  
ARG H2   H  N N 27  
ARG HA   H  N N 28  
ARG HB2  H  N N 29  
ARG HB3  H  N N 30  
ARG HG2  H  N N 31  
ARG HG3  H  N N 32  
ARG HD2  H  N N 33  
ARG HD3  H  N N 34  
ARG HE   H  N N 35  
ARG HH11 H  N N 36  
ARG HH12 H  N N 37  
ARG HH21 H  N N 38  
ARG HH22 H  N N 39  
ARG HXT  H  N N 40  
ASN N    N  N N 41  
ASN CA   C  N S 42  
ASN C    C  N N 43  
ASN O    O  N N 44  
ASN CB   C  N N 45  
ASN CG   C  N N 46  
ASN OD1  O  N N 47  
ASN ND2  N  N N 48  
ASN OXT  O  N N 49  
ASN H    H  N N 50  
ASN H2   H  N N 51  
ASN HA   H  N N 52  
ASN HB2  H  N N 53  
ASN HB3  H  N N 54  
ASN HD21 H  N N 55  
ASN HD22 H  N N 56  
ASN HXT  H  N N 57  
ASP N    N  N N 58  
ASP CA   C  N S 59  
ASP C    C  N N 60  
ASP O    O  N N 61  
ASP CB   C  N N 62  
ASP CG   C  N N 63  
ASP OD1  O  N N 64  
ASP OD2  O  N N 65  
ASP OXT  O  N N 66  
ASP H    H  N N 67  
ASP H2   H  N N 68  
ASP HA   H  N N 69  
ASP HB2  H  N N 70  
ASP HB3  H  N N 71  
ASP HD2  H  N N 72  
ASP HXT  H  N N 73  
CD  CD   CD N N 74  
GLN N    N  N N 75  
GLN CA   C  N S 76  
GLN C    C  N N 77  
GLN O    O  N N 78  
GLN CB   C  N N 79  
GLN CG   C  N N 80  
GLN CD   C  N N 81  
GLN OE1  O  N N 82  
GLN NE2  N  N N 83  
GLN OXT  O  N N 84  
GLN H    H  N N 85  
GLN H2   H  N N 86  
GLN HA   H  N N 87  
GLN HB2  H  N N 88  
GLN HB3  H  N N 89  
GLN HG2  H  N N 90  
GLN HG3  H  N N 91  
GLN HE21 H  N N 92  
GLN HE22 H  N N 93  
GLN HXT  H  N N 94  
GLU N    N  N N 95  
GLU CA   C  N S 96  
GLU C    C  N N 97  
GLU O    O  N N 98  
GLU CB   C  N N 99  
GLU CG   C  N N 100 
GLU CD   C  N N 101 
GLU OE1  O  N N 102 
GLU OE2  O  N N 103 
GLU OXT  O  N N 104 
GLU H    H  N N 105 
GLU H2   H  N N 106 
GLU HA   H  N N 107 
GLU HB2  H  N N 108 
GLU HB3  H  N N 109 
GLU HG2  H  N N 110 
GLU HG3  H  N N 111 
GLU HE2  H  N N 112 
GLU HXT  H  N N 113 
GLY N    N  N N 114 
GLY CA   C  N N 115 
GLY C    C  N N 116 
GLY O    O  N N 117 
GLY OXT  O  N N 118 
GLY H    H  N N 119 
GLY H2   H  N N 120 
GLY HA2  H  N N 121 
GLY HA3  H  N N 122 
GLY HXT  H  N N 123 
HOH O    O  N N 124 
HOH H1   H  N N 125 
HOH H2   H  N N 126 
ILE N    N  N N 127 
ILE CA   C  N S 128 
ILE C    C  N N 129 
ILE O    O  N N 130 
ILE CB   C  N S 131 
ILE CG1  C  N N 132 
ILE CG2  C  N N 133 
ILE CD1  C  N N 134 
ILE OXT  O  N N 135 
ILE H    H  N N 136 
ILE H2   H  N N 137 
ILE HA   H  N N 138 
ILE HB   H  N N 139 
ILE HG12 H  N N 140 
ILE HG13 H  N N 141 
ILE HG21 H  N N 142 
ILE HG22 H  N N 143 
ILE HG23 H  N N 144 
ILE HD11 H  N N 145 
ILE HD12 H  N N 146 
ILE HD13 H  N N 147 
ILE HXT  H  N N 148 
LEU N    N  N N 149 
LEU CA   C  N S 150 
LEU C    C  N N 151 
LEU O    O  N N 152 
LEU CB   C  N N 153 
LEU CG   C  N N 154 
LEU CD1  C  N N 155 
LEU CD2  C  N N 156 
LEU OXT  O  N N 157 
LEU H    H  N N 158 
LEU H2   H  N N 159 
LEU HA   H  N N 160 
LEU HB2  H  N N 161 
LEU HB3  H  N N 162 
LEU HG   H  N N 163 
LEU HD11 H  N N 164 
LEU HD12 H  N N 165 
LEU HD13 H  N N 166 
LEU HD21 H  N N 167 
LEU HD22 H  N N 168 
LEU HD23 H  N N 169 
LEU HXT  H  N N 170 
LYS N    N  N N 171 
LYS CA   C  N S 172 
LYS C    C  N N 173 
LYS O    O  N N 174 
LYS CB   C  N N 175 
LYS CG   C  N N 176 
LYS CD   C  N N 177 
LYS CE   C  N N 178 
LYS NZ   N  N N 179 
LYS OXT  O  N N 180 
LYS H    H  N N 181 
LYS H2   H  N N 182 
LYS HA   H  N N 183 
LYS HB2  H  N N 184 
LYS HB3  H  N N 185 
LYS HG2  H  N N 186 
LYS HG3  H  N N 187 
LYS HD2  H  N N 188 
LYS HD3  H  N N 189 
LYS HE2  H  N N 190 
LYS HE3  H  N N 191 
LYS HZ1  H  N N 192 
LYS HZ2  H  N N 193 
LYS HZ3  H  N N 194 
LYS HXT  H  N N 195 
PRO N    N  N N 196 
PRO CA   C  N S 197 
PRO C    C  N N 198 
PRO O    O  N N 199 
PRO CB   C  N N 200 
PRO CG   C  N N 201 
PRO CD   C  N N 202 
PRO OXT  O  N N 203 
PRO H    H  N N 204 
PRO HA   H  N N 205 
PRO HB2  H  N N 206 
PRO HB3  H  N N 207 
PRO HG2  H  N N 208 
PRO HG3  H  N N 209 
PRO HD2  H  N N 210 
PRO HD3  H  N N 211 
PRO HXT  H  N N 212 
SER N    N  N N 213 
SER CA   C  N S 214 
SER C    C  N N 215 
SER O    O  N N 216 
SER CB   C  N N 217 
SER OG   O  N N 218 
SER OXT  O  N N 219 
SER H    H  N N 220 
SER H2   H  N N 221 
SER HA   H  N N 222 
SER HB2  H  N N 223 
SER HB3  H  N N 224 
SER HG   H  N N 225 
SER HXT  H  N N 226 
TRP N    N  N N 227 
TRP CA   C  N S 228 
TRP C    C  N N 229 
TRP O    O  N N 230 
TRP CB   C  N N 231 
TRP CG   C  Y N 232 
TRP CD1  C  Y N 233 
TRP CD2  C  Y N 234 
TRP NE1  N  Y N 235 
TRP CE2  C  Y N 236 
TRP CE3  C  Y N 237 
TRP CZ2  C  Y N 238 
TRP CZ3  C  Y N 239 
TRP CH2  C  Y N 240 
TRP OXT  O  N N 241 
TRP H    H  N N 242 
TRP H2   H  N N 243 
TRP HA   H  N N 244 
TRP HB2  H  N N 245 
TRP HB3  H  N N 246 
TRP HD1  H  N N 247 
TRP HE1  H  N N 248 
TRP HE3  H  N N 249 
TRP HZ2  H  N N 250 
TRP HZ3  H  N N 251 
TRP HH2  H  N N 252 
TRP HXT  H  N N 253 
TYR N    N  N N 254 
TYR CA   C  N S 255 
TYR C    C  N N 256 
TYR O    O  N N 257 
TYR CB   C  N N 258 
TYR CG   C  Y N 259 
TYR CD1  C  Y N 260 
TYR CD2  C  Y N 261 
TYR CE1  C  Y N 262 
TYR CE2  C  Y N 263 
TYR CZ   C  Y N 264 
TYR OH   O  N N 265 
TYR OXT  O  N N 266 
TYR H    H  N N 267 
TYR H2   H  N N 268 
TYR HA   H  N N 269 
TYR HB2  H  N N 270 
TYR HB3  H  N N 271 
TYR HD1  H  N N 272 
TYR HD2  H  N N 273 
TYR HE1  H  N N 274 
TYR HE2  H  N N 275 
TYR HH   H  N N 276 
TYR HXT  H  N N 277 
# 
loop_
_chem_comp_bond.comp_id 
_chem_comp_bond.atom_id_1 
_chem_comp_bond.atom_id_2 
_chem_comp_bond.value_order 
_chem_comp_bond.pdbx_aromatic_flag 
_chem_comp_bond.pdbx_stereo_config 
_chem_comp_bond.pdbx_ordinal 
ALA N   CA   sing N N 1   
ALA N   H    sing N N 2   
ALA N   H2   sing N N 3   
ALA CA  C    sing N N 4   
ALA CA  CB   sing N N 5   
ALA CA  HA   sing N N 6   
ALA C   O    doub N N 7   
ALA C   OXT  sing N N 8   
ALA CB  HB1  sing N N 9   
ALA CB  HB2  sing N N 10  
ALA CB  HB3  sing N N 11  
ALA OXT HXT  sing N N 12  
ARG N   CA   sing N N 13  
ARG N   H    sing N N 14  
ARG N   H2   sing N N 15  
ARG CA  C    sing N N 16  
ARG CA  CB   sing N N 17  
ARG CA  HA   sing N N 18  
ARG C   O    doub N N 19  
ARG C   OXT  sing N N 20  
ARG CB  CG   sing N N 21  
ARG CB  HB2  sing N N 22  
ARG CB  HB3  sing N N 23  
ARG CG  CD   sing N N 24  
ARG CG  HG2  sing N N 25  
ARG CG  HG3  sing N N 26  
ARG CD  NE   sing N N 27  
ARG CD  HD2  sing N N 28  
ARG CD  HD3  sing N N 29  
ARG NE  CZ   sing N N 30  
ARG NE  HE   sing N N 31  
ARG CZ  NH1  sing N N 32  
ARG CZ  NH2  doub N N 33  
ARG NH1 HH11 sing N N 34  
ARG NH1 HH12 sing N N 35  
ARG NH2 HH21 sing N N 36  
ARG NH2 HH22 sing N N 37  
ARG OXT HXT  sing N N 38  
ASN N   CA   sing N N 39  
ASN N   H    sing N N 40  
ASN N   H2   sing N N 41  
ASN CA  C    sing N N 42  
ASN CA  CB   sing N N 43  
ASN CA  HA   sing N N 44  
ASN C   O    doub N N 45  
ASN C   OXT  sing N N 46  
ASN CB  CG   sing N N 47  
ASN CB  HB2  sing N N 48  
ASN CB  HB3  sing N N 49  
ASN CG  OD1  doub N N 50  
ASN CG  ND2  sing N N 51  
ASN ND2 HD21 sing N N 52  
ASN ND2 HD22 sing N N 53  
ASN OXT HXT  sing N N 54  
ASP N   CA   sing N N 55  
ASP N   H    sing N N 56  
ASP N   H2   sing N N 57  
ASP CA  C    sing N N 58  
ASP CA  CB   sing N N 59  
ASP CA  HA   sing N N 60  
ASP C   O    doub N N 61  
ASP C   OXT  sing N N 62  
ASP CB  CG   sing N N 63  
ASP CB  HB2  sing N N 64  
ASP CB  HB3  sing N N 65  
ASP CG  OD1  doub N N 66  
ASP CG  OD2  sing N N 67  
ASP OD2 HD2  sing N N 68  
ASP OXT HXT  sing N N 69  
GLN N   CA   sing N N 70  
GLN N   H    sing N N 71  
GLN N   H2   sing N N 72  
GLN CA  C    sing N N 73  
GLN CA  CB   sing N N 74  
GLN CA  HA   sing N N 75  
GLN C   O    doub N N 76  
GLN C   OXT  sing N N 77  
GLN CB  CG   sing N N 78  
GLN CB  HB2  sing N N 79  
GLN CB  HB3  sing N N 80  
GLN CG  CD   sing N N 81  
GLN CG  HG2  sing N N 82  
GLN CG  HG3  sing N N 83  
GLN CD  OE1  doub N N 84  
GLN CD  NE2  sing N N 85  
GLN NE2 HE21 sing N N 86  
GLN NE2 HE22 sing N N 87  
GLN OXT HXT  sing N N 88  
GLU N   CA   sing N N 89  
GLU N   H    sing N N 90  
GLU N   H2   sing N N 91  
GLU CA  C    sing N N 92  
GLU CA  CB   sing N N 93  
GLU CA  HA   sing N N 94  
GLU C   O    doub N N 95  
GLU C   OXT  sing N N 96  
GLU CB  CG   sing N N 97  
GLU CB  HB2  sing N N 98  
GLU CB  HB3  sing N N 99  
GLU CG  CD   sing N N 100 
GLU CG  HG2  sing N N 101 
GLU CG  HG3  sing N N 102 
GLU CD  OE1  doub N N 103 
GLU CD  OE2  sing N N 104 
GLU OE2 HE2  sing N N 105 
GLU OXT HXT  sing N N 106 
GLY N   CA   sing N N 107 
GLY N   H    sing N N 108 
GLY N   H2   sing N N 109 
GLY CA  C    sing N N 110 
GLY CA  HA2  sing N N 111 
GLY CA  HA3  sing N N 112 
GLY C   O    doub N N 113 
GLY C   OXT  sing N N 114 
GLY OXT HXT  sing N N 115 
HOH O   H1   sing N N 116 
HOH O   H2   sing N N 117 
ILE N   CA   sing N N 118 
ILE N   H    sing N N 119 
ILE N   H2   sing N N 120 
ILE CA  C    sing N N 121 
ILE CA  CB   sing N N 122 
ILE CA  HA   sing N N 123 
ILE C   O    doub N N 124 
ILE C   OXT  sing N N 125 
ILE CB  CG1  sing N N 126 
ILE CB  CG2  sing N N 127 
ILE CB  HB   sing N N 128 
ILE CG1 CD1  sing N N 129 
ILE CG1 HG12 sing N N 130 
ILE CG1 HG13 sing N N 131 
ILE CG2 HG21 sing N N 132 
ILE CG2 HG22 sing N N 133 
ILE CG2 HG23 sing N N 134 
ILE CD1 HD11 sing N N 135 
ILE CD1 HD12 sing N N 136 
ILE CD1 HD13 sing N N 137 
ILE OXT HXT  sing N N 138 
LEU N   CA   sing N N 139 
LEU N   H    sing N N 140 
LEU N   H2   sing N N 141 
LEU CA  C    sing N N 142 
LEU CA  CB   sing N N 143 
LEU CA  HA   sing N N 144 
LEU C   O    doub N N 145 
LEU C   OXT  sing N N 146 
LEU CB  CG   sing N N 147 
LEU CB  HB2  sing N N 148 
LEU CB  HB3  sing N N 149 
LEU CG  CD1  sing N N 150 
LEU CG  CD2  sing N N 151 
LEU CG  HG   sing N N 152 
LEU CD1 HD11 sing N N 153 
LEU CD1 HD12 sing N N 154 
LEU CD1 HD13 sing N N 155 
LEU CD2 HD21 sing N N 156 
LEU CD2 HD22 sing N N 157 
LEU CD2 HD23 sing N N 158 
LEU OXT HXT  sing N N 159 
LYS N   CA   sing N N 160 
LYS N   H    sing N N 161 
LYS N   H2   sing N N 162 
LYS CA  C    sing N N 163 
LYS CA  CB   sing N N 164 
LYS CA  HA   sing N N 165 
LYS C   O    doub N N 166 
LYS C   OXT  sing N N 167 
LYS CB  CG   sing N N 168 
LYS CB  HB2  sing N N 169 
LYS CB  HB3  sing N N 170 
LYS CG  CD   sing N N 171 
LYS CG  HG2  sing N N 172 
LYS CG  HG3  sing N N 173 
LYS CD  CE   sing N N 174 
LYS CD  HD2  sing N N 175 
LYS CD  HD3  sing N N 176 
LYS CE  NZ   sing N N 177 
LYS CE  HE2  sing N N 178 
LYS CE  HE3  sing N N 179 
LYS NZ  HZ1  sing N N 180 
LYS NZ  HZ2  sing N N 181 
LYS NZ  HZ3  sing N N 182 
LYS OXT HXT  sing N N 183 
PRO N   CA   sing N N 184 
PRO N   CD   sing N N 185 
PRO N   H    sing N N 186 
PRO CA  C    sing N N 187 
PRO CA  CB   sing N N 188 
PRO CA  HA   sing N N 189 
PRO C   O    doub N N 190 
PRO C   OXT  sing N N 191 
PRO CB  CG   sing N N 192 
PRO CB  HB2  sing N N 193 
PRO CB  HB3  sing N N 194 
PRO CG  CD   sing N N 195 
PRO CG  HG2  sing N N 196 
PRO CG  HG3  sing N N 197 
PRO CD  HD2  sing N N 198 
PRO CD  HD3  sing N N 199 
PRO OXT HXT  sing N N 200 
SER N   CA   sing N N 201 
SER N   H    sing N N 202 
SER N   H2   sing N N 203 
SER CA  C    sing N N 204 
SER CA  CB   sing N N 205 
SER CA  HA   sing N N 206 
SER C   O    doub N N 207 
SER C   OXT  sing N N 208 
SER CB  OG   sing N N 209 
SER CB  HB2  sing N N 210 
SER CB  HB3  sing N N 211 
SER OG  HG   sing N N 212 
SER OXT HXT  sing N N 213 
TRP N   CA   sing N N 214 
TRP N   H    sing N N 215 
TRP N   H2   sing N N 216 
TRP CA  C    sing N N 217 
TRP CA  CB   sing N N 218 
TRP CA  HA   sing N N 219 
TRP C   O    doub N N 220 
TRP C   OXT  sing N N 221 
TRP CB  CG   sing N N 222 
TRP CB  HB2  sing N N 223 
TRP CB  HB3  sing N N 224 
TRP CG  CD1  doub Y N 225 
TRP CG  CD2  sing Y N 226 
TRP CD1 NE1  sing Y N 227 
TRP CD1 HD1  sing N N 228 
TRP CD2 CE2  doub Y N 229 
TRP CD2 CE3  sing Y N 230 
TRP NE1 CE2  sing Y N 231 
TRP NE1 HE1  sing N N 232 
TRP CE2 CZ2  sing Y N 233 
TRP CE3 CZ3  doub Y N 234 
TRP CE3 HE3  sing N N 235 
TRP CZ2 CH2  doub Y N 236 
TRP CZ2 HZ2  sing N N 237 
TRP CZ3 CH2  sing Y N 238 
TRP CZ3 HZ3  sing N N 239 
TRP CH2 HH2  sing N N 240 
TRP OXT HXT  sing N N 241 
TYR N   CA   sing N N 242 
TYR N   H    sing N N 243 
TYR N   H2   sing N N 244 
TYR CA  C    sing N N 245 
TYR CA  CB   sing N N 246 
TYR CA  HA   sing N N 247 
TYR C   O    doub N N 248 
TYR C   OXT  sing N N 249 
TYR CB  CG   sing N N 250 
TYR CB  HB2  sing N N 251 
TYR CB  HB3  sing N N 252 
TYR CG  CD1  doub Y N 253 
TYR CG  CD2  sing Y N 254 
TYR CD1 CE1  sing Y N 255 
TYR CD1 HD1  sing N N 256 
TYR CD2 CE2  doub Y N 257 
TYR CD2 HD2  sing N N 258 
TYR CE1 CZ   doub Y N 259 
TYR CE1 HE1  sing N N 260 
TYR CE2 CZ   sing Y N 261 
TYR CE2 HE2  sing N N 262 
TYR CZ  OH   sing N N 263 
TYR OH  HH   sing N N 264 
TYR OXT HXT  sing N N 265 
# 
_atom_sites.entry_id                    2AVP 
_atom_sites.fract_transf_matrix[1][1]   -0.01612835 
_atom_sites.fract_transf_matrix[1][2]   -0.00555631 
_atom_sites.fract_transf_matrix[1][3]   0.00698948 
_atom_sites.fract_transf_matrix[2][1]   -0.00869502 
_atom_sites.fract_transf_matrix[2][2]   0.00649218 
_atom_sites.fract_transf_matrix[2][3]   -0.01490293 
_atom_sites.fract_transf_matrix[3][1]   0.00153425 
_atom_sites.fract_transf_matrix[3][2]   -0.01234397 
_atom_sites.fract_transf_matrix[3][3]   -0.00627257 
_atom_sites.fract_transf_vector[1]      0.384115 
_atom_sites.fract_transf_vector[2]      0.168213 
_atom_sites.fract_transf_vector[3]      0.836727 
# 
loop_
_atom_type.symbol 
C  
CD 
N  
O  
# 
loop_
_atom_site.group_PDB 
_atom_site.id 
_atom_site.type_symbol 
_atom_site.label_atom_id 
_atom_site.label_alt_id 
_atom_site.label_comp_id 
_atom_site.label_asym_id 
_atom_site.label_entity_id 
_atom_site.label_seq_id 
_atom_site.pdbx_PDB_ins_code 
_atom_site.Cartn_x 
_atom_site.Cartn_y 
_atom_site.Cartn_z 
_atom_site.occupancy 
_atom_site.B_iso_or_equiv 
_atom_site.pdbx_formal_charge 
_atom_site.auth_seq_id 
_atom_site.auth_comp_id 
_atom_site.auth_asym_id 
_atom_site.auth_atom_id 
_atom_site.pdbx_PDB_model_num 
ATOM   1   N  N   . ALA A 1 3  ? -1.650  12.540  4.480   1.00 49.26 ? 1   ALA A N   1 
ATOM   2   C  CA  . ALA A 1 3  ? -1.271  11.113  4.197   1.00 45.15 ? 1   ALA A CA  1 
ATOM   3   C  C   . ALA A 1 3  ? -1.802  9.993   5.195   1.00 41.01 ? 1   ALA A C   1 
ATOM   4   O  O   . ALA A 1 3  ? -2.334  8.986   4.766   1.00 37.54 ? 1   ALA A O   1 
ATOM   5   C  CB  . ALA A 1 3  ? 0.261   11.037  4.033   1.00 43.08 ? 1   ALA A CB  1 
ATOM   6   N  N   . GLU A 1 4  ? -1.591  10.139  6.495   1.00 42.95 ? 2   GLU A N   1 
ATOM   7   C  CA  . GLU A 1 4  ? -1.983  9.131   7.475   1.00 44.90 ? 2   GLU A CA  1 
ATOM   8   C  C   . GLU A 1 4  ? -3.462  8.772   7.423   1.00 39.83 ? 2   GLU A C   1 
ATOM   9   O  O   . GLU A 1 4  ? -3.790  7.594   7.540   1.00 34.93 ? 2   GLU A O   1 
ATOM   10  C  CB  . GLU A 1 4  ? -1.587  9.606   8.881   1.00 43.08 ? 2   GLU A CB  1 
ATOM   11  C  CG  . GLU A 1 4  ? -2.124  8.765   10.026  1.00 57.75 ? 2   GLU A CG  1 
ATOM   12  C  CD  . GLU A 1 4  ? -1.439  9.033   11.360  1.00 72.53 ? 2   GLU A CD  1 
ATOM   13  O  OE1 . GLU A 1 4  ? -0.784  10.099  11.468  0.00 65.63 ? 2   GLU A OE1 1 
ATOM   14  O  OE2 . GLU A 1 4  ? -1.565  8.193   12.269  1.00 81.42 ? 2   GLU A OE2 1 
ATOM   15  N  N   . ALA A 1 5  ? -4.331  9.745   7.256   1.00 37.77 ? 3   ALA A N   1 
ATOM   16  C  CA  . ALA A 1 5  ? -5.782  9.525   7.207   1.00 40.19 ? 3   ALA A CA  1 
ATOM   17  C  C   . ALA A 1 5  ? -6.214  8.814   5.928   1.00 39.33 ? 3   ALA A C   1 
ATOM   18  O  O   . ALA A 1 5  ? -7.085  7.918   5.953   1.00 35.26 ? 3   ALA A O   1 
ATOM   19  C  CB  . ALA A 1 5  ? -6.560  10.872  7.317   1.00 41.41 ? 3   ALA A CB  1 
ATOM   20  N  N   . TRP A 1 6  ? -5.630  9.205   4.802   1.00 39.91 ? 4   TRP A N   1 
ATOM   21  C  CA  . TRP A 1 6  ? -5.885  8.449   3.575   1.00 35.23 ? 4   TRP A CA  1 
ATOM   22  C  C   . TRP A 1 6  ? -5.460  6.985   3.715   1.00 27.80 ? 4   TRP A C   1 
ATOM   23  O  O   . TRP A 1 6  ? -6.177  6.083   3.277   1.00 33.17 ? 4   TRP A O   1 
ATOM   24  C  CB  . TRP A 1 6  ? -5.203  9.088   2.371   1.00 37.97 ? 4   TRP A CB  1 
ATOM   25  C  CG  . TRP A 1 6  ? -5.765  10.417  1.971   1.00 38.07 ? 4   TRP A CG  1 
ATOM   26  C  CD1 . TRP A 1 6  ? -5.214  11.680  2.202   1.00 39.03 ? 4   TRP A CD1 1 
ATOM   27  C  CD2 . TRP A 1 6  ? -6.965  10.634  1.255   1.00 36.59 ? 4   TRP A CD2 1 
ATOM   28  N  NE1 . TRP A 1 6  ? -6.027  12.644  1.649   1.00 39.39 ? 4   TRP A NE1 1 
ATOM   29  C  CE2 . TRP A 1 6  ? -7.123  12.040  1.094   1.00 43.10 ? 4   TRP A CE2 1 
ATOM   30  C  CE3 . TRP A 1 6  ? -7.958  9.794   0.771   1.00 38.18 ? 4   TRP A CE3 1 
ATOM   31  C  CZ2 . TRP A 1 6  ? -8.211  12.602  0.427   1.00 53.11 ? 4   TRP A CZ2 1 
ATOM   32  C  CZ3 . TRP A 1 6  ? -9.063  10.368  0.116   1.00 55.36 ? 4   TRP A CZ3 1 
ATOM   33  C  CH2 . TRP A 1 6  ? -9.182  11.756  -0.035  1.00 47.35 ? 4   TRP A CH2 1 
ATOM   34  N  N   . TYR A 1 7  ? -4.306  6.756   4.328   1.00 31.47 ? 5   TYR A N   1 
ATOM   35  C  CA  . TYR A 1 7  ? -3.765  5.424   4.506   1.00 32.49 ? 5   TYR A CA  1 
ATOM   36  C  C   . TYR A 1 7  ? -4.712  4.585   5.411   1.00 31.54 ? 5   TYR A C   1 
ATOM   37  O  O   . TYR A 1 7  ? -5.019  3.457   5.060   1.00 30.33 ? 5   TYR A O   1 
ATOM   38  C  CB  . TYR A 1 7  ? -2.337  5.543   5.078   1.00 36.61 ? 5   TYR A CB  1 
ATOM   39  C  CG  . TYR A 1 7  ? -1.702  4.369   5.745   1.00 32.44 ? 5   TYR A CG  1 
ATOM   40  C  CD1 . TYR A 1 7  ? -1.121  3.344   5.005   1.00 32.68 ? 5   TYR A CD1 1 
ATOM   41  C  CD2 . TYR A 1 7  ? -1.660  4.289   7.149   1.00 35.37 ? 5   TYR A CD2 1 
ATOM   42  C  CE1 . TYR A 1 7  ? -0.506  2.289   5.644   1.00 35.64 ? 5   TYR A CE1 1 
ATOM   43  C  CE2 . TYR A 1 7  ? -1.066  3.214   7.781   1.00 36.70 ? 5   TYR A CE2 1 
ATOM   44  C  CZ  . TYR A 1 7  ? -0.456  2.244   7.017   1.00 37.13 ? 5   TYR A CZ  1 
ATOM   45  O  OH  . TYR A 1 7  ? 0.090   1.162   7.624   1.00 38.49 ? 5   TYR A OH  1 
ATOM   46  N  N   . ASN A 1 8  ? -5.158  5.167   6.539   1.00 34.73 ? 6   ASN A N   1 
ATOM   47  C  CA  . ASN A 1 8  ? -6.117  4.497   7.397   1.00 36.62 ? 6   ASN A CA  1 
ATOM   48  C  C   . ASN A 1 8  ? -7.424  4.224   6.717   1.00 30.54 ? 6   ASN A C   1 
ATOM   49  O  O   . ASN A 1 8  ? -7.963  3.149   6.959   1.00 31.68 ? 6   ASN A O   1 
ATOM   50  C  CB  . ASN A 1 8  ? -6.332  5.150   8.780   1.00 28.85 ? 6   ASN A CB  1 
ATOM   51  C  CG  . ASN A 1 8  ? -5.083  5.003   9.669   1.00 46.18 ? 6   ASN A CG  1 
ATOM   52  O  OD1 . ASN A 1 8  ? -4.409  3.937   9.681   1.00 37.03 ? 6   ASN A OD1 1 
ATOM   53  N  ND2 . ASN A 1 8  ? -4.753  6.054   10.374  1.00 42.33 ? 6   ASN A ND2 1 
ATOM   54  N  N   . LEU A 1 9  ? -7.903  5.147   5.893   1.00 26.71 ? 7   LEU A N   1 
ATOM   55  C  CA  . LEU A 1 9  ? -9.066  4.811   5.031   1.00 28.41 ? 7   LEU A CA  1 
ATOM   56  C  C   . LEU A 1 9  ? -8.773  3.629   4.170   1.00 27.02 ? 7   LEU A C   1 
ATOM   57  O  O   . LEU A 1 9  ? -9.604  2.724   3.999   1.00 26.60 ? 7   LEU A O   1 
ATOM   58  C  CB  . LEU A 1 9  ? -9.449  5.932   4.100   1.00 29.45 ? 7   LEU A CB  1 
ATOM   59  C  CG  . LEU A 1 9  ? -10.839 6.316   3.702   1.00 45.39 ? 7   LEU A CG  1 
ATOM   60  C  CD1 . LEU A 1 9  ? -10.898 6.913   2.380   1.00 38.53 ? 7   LEU A CD1 1 
ATOM   61  C  CD2 . LEU A 1 9  ? -11.911 5.271   4.058   1.00 30.58 ? 7   LEU A CD2 1 
ATOM   62  N  N   . GLY A 1 10 ? -7.610  3.638   3.555   1.00 29.01 ? 8   GLY A N   1 
ATOM   63  C  CA  . GLY A 1 10 ? -7.121  2.478   2.788   1.00 29.49 ? 8   GLY A CA  1 
ATOM   64  C  C   . GLY A 1 10 ? -7.134  1.154   3.541   1.00 32.19 ? 8   GLY A C   1 
ATOM   65  O  O   . GLY A 1 10 ? -7.641  0.144   3.015   1.00 27.57 ? 8   GLY A O   1 
ATOM   66  N  N   . ASN A 1 11 ? -6.651  1.194   4.790   1.00 28.45 ? 9   ASN A N   1 
ATOM   67  C  CA  . ASN A 1 11 ? -6.639  0.062   5.672   1.00 31.63 ? 9   ASN A CA  1 
ATOM   68  C  C   . ASN A 1 11 ? -8.049  -0.425  6.036   1.00 29.98 ? 9   ASN A C   1 
ATOM   69  O  O   . ASN A 1 11 ? -8.287  -1.621  6.096   1.00 26.84 ? 9   ASN A O   1 
ATOM   70  C  CB  . ASN A 1 11 ? -5.900  0.393   6.962   1.00 33.13 ? 9   ASN A CB  1 
ATOM   71  C  CG  . ASN A 1 11 ? -4.332  0.583   6.771   1.00 38.20 ? 9   ASN A CG  1 
ATOM   72  O  OD1 . ASN A 1 11 ? -3.702  1.204   7.588   1.00 40.57 ? 9   ASN A OD1 1 
ATOM   73  N  ND2 . ASN A 1 11 ? -3.788  0.025   5.782   1.00 32.74 ? 9   ASN A ND2 1 
ATOM   74  N  N   . ALA A 1 12 ? -8.980  0.507   6.228   1.00 26.40 ? 10  ALA A N   1 
ATOM   75  C  CA  . ALA A 1 12 ? -10.344 0.130   6.570   1.00 24.89 ? 10  ALA A CA  1 
ATOM   76  C  C   . ALA A 1 12 ? -10.939 -0.641  5.387   1.00 30.21 ? 10  ALA A C   1 
ATOM   77  O  O   . ALA A 1 12 ? -11.533 -1.682  5.532   1.00 29.97 ? 10  ALA A O   1 
ATOM   78  C  CB  . ALA A 1 12 ? -11.127 1.415   6.900   1.00 23.45 ? 10  ALA A CB  1 
ATOM   79  N  N   . TYR A 1 13 ? -10.726 -0.145  4.163   1.00 28.48 ? 11  TYR A N   1 
ATOM   80  C  CA  . TYR A 1 13 ? -11.174 -0.895  2.984   1.00 29.67 ? 11  TYR A CA  1 
ATOM   81  C  C   . TYR A 1 13 ? -10.463 -2.257  2.785   1.00 30.63 ? 11  TYR A C   1 
ATOM   82  O  O   . TYR A 1 13 ? -11.054 -3.270  2.437   1.00 30.29 ? 11  TYR A O   1 
ATOM   83  C  CB  . TYR A 1 13 ? -10.996 -0.014  1.792   1.00 28.95 ? 11  TYR A CB  1 
ATOM   84  C  CG  . TYR A 1 13 ? -12.093 0.992   1.548   1.00 28.31 ? 11  TYR A CG  1 
ATOM   85  C  CD1 . TYR A 1 13 ? -13.339 0.606   1.144   1.00 29.09 ? 11  TYR A CD1 1 
ATOM   86  C  CD2 . TYR A 1 13 ? -11.829 2.352   1.634   1.00 29.14 ? 11  TYR A CD2 1 
ATOM   87  C  CE1 . TYR A 1 13 ? -14.319 1.550   0.914   1.00 33.90 ? 11  TYR A CE1 1 
ATOM   88  C  CE2 . TYR A 1 13 ? -12.796 3.310   1.318   1.00 31.93 ? 11  TYR A CE2 1 
ATOM   89  C  CZ  . TYR A 1 13 ? -14.009 2.903   0.989   1.00 26.14 ? 11  TYR A CZ  1 
ATOM   90  O  OH  . TYR A 1 13 ? -14.954 3.820   0.692   1.00 33.52 ? 11  TYR A OH  1 
ATOM   91  N  N   . TYR A 1 14 ? -9.173  -2.288  3.057   1.00 31.49 ? 12  TYR A N   1 
ATOM   92  C  CA  . TYR A 1 14 ? -8.441  -3.523  3.030   1.00 30.74 ? 12  TYR A CA  1 
ATOM   93  C  C   . TYR A 1 14 ? -9.024  -4.567  3.957   1.00 33.12 ? 12  TYR A C   1 
ATOM   94  O  O   . TYR A 1 14 ? -9.298  -5.639  3.488   1.00 29.36 ? 12  TYR A O   1 
ATOM   95  C  CB  . TYR A 1 14 ? -6.971  -3.262  3.305   1.00 27.53 ? 12  TYR A CB  1 
ATOM   96  C  CG  . TYR A 1 14 ? -6.072  -4.455  3.209   1.00 38.82 ? 12  TYR A CG  1 
ATOM   97  C  CD1 . TYR A 1 14 ? -5.284  -4.661  2.094   1.00 31.62 ? 12  TYR A CD1 1 
ATOM   98  C  CD2 . TYR A 1 14 ? -5.986  -5.366  4.245   1.00 37.82 ? 12  TYR A CD2 1 
ATOM   99  C  CE1 . TYR A 1 14 ? -4.386  -5.780  2.037   1.00 32.30 ? 12  TYR A CE1 1 
ATOM   100 C  CE2 . TYR A 1 14 ? -5.093  -6.457  4.194   1.00 43.90 ? 12  TYR A CE2 1 
ATOM   101 C  CZ  . TYR A 1 14 ? -4.292  -6.636  3.061   1.00 40.15 ? 12  TYR A CZ  1 
ATOM   102 O  OH  . TYR A 1 14 ? -3.405  -7.669  2.973   1.00 37.77 ? 12  TYR A OH  1 
ATOM   103 N  N   . LYS A 1 15 ? -9.298  -4.210  5.217   1.00 32.82 ? 13  LYS A N   1 
ATOM   104 C  CA  . LYS A 1 15 ? -9.972  -5.067  6.181   1.00 34.97 ? 13  LYS A CA  1 
ATOM   105 C  C   . LYS A 1 15 ? -11.311 -5.625  5.690   1.00 37.14 ? 13  LYS A C   1 
ATOM   106 O  O   . LYS A 1 15 ? -11.608 -6.740  5.979   1.00 39.96 ? 13  LYS A O   1 
ATOM   107 C  CB  . LYS A 1 15 ? -10.198 -4.347  7.510   1.00 34.23 ? 13  LYS A CB  1 
ATOM   108 C  CG  . LYS A 1 15 ? -8.956  -4.056  8.219   1.00 40.17 ? 13  LYS A CG  1 
ATOM   109 C  CD  . LYS A 1 15 ? -8.302  -5.358  8.759   1.00 50.49 ? 13  LYS A CD  1 
ATOM   110 C  CE  . LYS A 1 15 ? -7.368  -4.996  9.955   1.00 58.28 ? 13  LYS A CE  1 
ATOM   111 N  NZ  . LYS A 1 15 ? -6.519  -6.161  10.388  1.00 59.88 ? 13  LYS A NZ  1 
ATOM   112 N  N   . GLN A 1 16 ? -12.047 -4.895  4.863   1.00 34.84 ? 14  GLN A N   1 
ATOM   113 C  CA  . GLN A 1 16 ? -13.287 -5.390  4.284   1.00 33.11 ? 14  GLN A CA  1 
ATOM   114 C  C   . GLN A 1 16 ? -13.121 -6.152  2.992   1.00 38.80 ? 14  GLN A C   1 
ATOM   115 O  O   . GLN A 1 16 ? -14.120 -6.458  2.331   1.00 32.79 ? 14  GLN A O   1 
ATOM   116 C  CB  . GLN A 1 16 ? -14.250 -4.188  4.049   1.00 34.41 ? 14  GLN A CB  1 
ATOM   117 C  CG  . GLN A 1 16 ? -14.569 -3.371  5.235   1.00 38.91 ? 14  GLN A CG  1 
ATOM   118 C  CD  . GLN A 1 16 ? -15.740 -3.974  6.060   1.00 68.74 ? 14  GLN A CD  1 
ATOM   119 O  OE1 . GLN A 1 16 ? -15.496 -4.879  6.888   1.00 59.04 ? 14  GLN A OE1 1 
ATOM   120 N  NE2 . GLN A 1 16 ? -16.901 -3.783  6.060   0.00 60.36 ? 14  GLN A NE2 1 
ATOM   121 N  N   . GLY A 1 17 ? -11.870 -6.391  2.545   1.00 37.13 ? 15  GLY A N   1 
ATOM   122 C  CA  . GLY A 1 17 ? -11.668 -7.032  1.264   1.00 33.05 ? 15  GLY A CA  1 
ATOM   123 C  C   . GLY A 1 17 ? -11.935 -6.195  0.058   1.00 38.66 ? 15  GLY A C   1 
ATOM   124 O  O   . GLY A 1 17 ? -12.036 -6.702  -1.055  1.00 41.72 ? 15  GLY A O   1 
ATOM   125 N  N   . ASP A 1 18 ? -12.009 -4.882  0.250   1.00 35.87 ? 16  ASP A N   1 
ATOM   126 C  CA  . ASP A 1 18 ? -12.154 -3.976  -0.850  1.00 32.07 ? 16  ASP A CA  1 
ATOM   127 C  C   . ASP A 1 18 ? -10.780 -3.517  -1.354  1.00 36.87 ? 16  ASP A C   1 
ATOM   128 O  O   . ASP A 1 18 ? -10.383 -2.367  -1.166  1.00 32.78 ? 16  ASP A O   1 
ATOM   129 C  CB  . ASP A 1 18 ? -13.022 -2.746  -0.473  1.00 31.24 ? 16  ASP A CB  1 
ATOM   130 C  CG  . ASP A 1 18 ? -14.490 -3.140  -0.148  1.00 46.96 ? 16  ASP A CG  1 
ATOM   131 O  OD1 . ASP A 1 18 ? -14.928 -2.657  0.872   1.00 36.12 ? 16  ASP A OD1 1 
ATOM   132 O  OD2 . ASP A 1 18 ? -15.238 -3.909  -0.822  1.00 45.51 ? 16  ASP A OD2 1 
ATOM   133 N  N   . TYR A 1 19 ? -10.095 -4.426  -2.016  1.00 40.37 ? 17  TYR A N   1 
ATOM   134 C  CA  . TYR A 1 19 ? -8.752  -4.158  -2.398  1.00 35.73 ? 17  TYR A CA  1 
ATOM   135 C  C   . TYR A 1 19 ? -8.591  -3.041  -3.428  1.00 35.86 ? 17  TYR A C   1 
ATOM   136 O  O   . TYR A 1 19 ? -7.566  -2.355  -3.412  1.00 34.30 ? 17  TYR A O   1 
ATOM   137 C  CB  . TYR A 1 19 ? -8.067  -5.435  -2.826  1.00 38.44 ? 17  TYR A CB  1 
ATOM   138 C  CG  . TYR A 1 19 ? -8.114  -6.460  -1.730  1.00 32.27 ? 17  TYR A CG  1 
ATOM   139 C  CD1 . TYR A 1 19 ? -7.502  -6.248  -0.492  1.00 32.70 ? 17  TYR A CD1 1 
ATOM   140 C  CD2 . TYR A 1 19 ? -8.788  -7.651  -1.913  1.00 32.89 ? 17  TYR A CD2 1 
ATOM   141 C  CE1 . TYR A 1 19 ? -7.607  -7.214  0.529   1.00 34.87 ? 17  TYR A CE1 1 
ATOM   142 C  CE2 . TYR A 1 19 ? -8.847  -8.616  -0.914  1.00 35.34 ? 17  TYR A CE2 1 
ATOM   143 C  CZ  . TYR A 1 19 ? -8.260  -8.385  0.295   1.00 37.76 ? 17  TYR A CZ  1 
ATOM   144 O  OH  . TYR A 1 19 ? -8.317  -9.346  1.277   1.00 36.15 ? 17  TYR A OH  1 
ATOM   145 N  N   . ASP A 1 20 ? -9.556  -2.813  -4.365  1.00 39.29 ? 18  ASP A N   1 
ATOM   146 C  CA  . ASP A 1 20 ? -9.375  -1.724  -5.331  1.00 36.61 ? 18  ASP A CA  1 
ATOM   147 C  C   . ASP A 1 20 ? -9.505  -0.387  -4.628  1.00 38.77 ? 18  ASP A C   1 
ATOM   148 O  O   . ASP A 1 20 ? -8.724  0.519   -4.896  1.00 32.89 ? 18  ASP A O   1 
ATOM   149 C  CB  . ASP A 1 20 ? -10.325 -1.777  -6.515  1.00 39.42 ? 18  ASP A CB  1 
ATOM   150 C  CG  . ASP A 1 20 ? -11.608 -2.484  -6.190  1.00 49.19 ? 18  ASP A CG  1 
ATOM   151 O  OD1 . ASP A 1 20 ? -11.540 -3.587  -5.604  1.00 60.65 ? 18  ASP A OD1 1 
ATOM   152 O  OD2 . ASP A 1 20 ? -12.697 -1.945  -6.507  0.00 47.60 ? 18  ASP A OD2 1 
ATOM   153 N  N   . GLU A 1 21 ? -10.489 -0.277  -3.729  1.00 32.83 ? 19  GLU A N   1 
ATOM   154 C  CA  . GLU A 1 21 ? -10.626 0.969   -2.958  1.00 31.56 ? 19  GLU A CA  1 
ATOM   155 C  C   . GLU A 1 21 ? -9.348  1.182   -2.134  1.00 26.99 ? 19  GLU A C   1 
ATOM   156 O  O   . GLU A 1 21 ? -8.802  2.279   -2.088  1.00 34.45 ? 19  GLU A O   1 
ATOM   157 C  CB  . GLU A 1 21 ? -11.920 0.966   -2.127  1.00 27.14 ? 19  GLU A CB  1 
ATOM   158 C  CG  . GLU A 1 21 ? -13.190 1.331   -2.904  1.00 41.63 ? 19  GLU A CG  1 
ATOM   159 C  CD  . GLU A 1 21 ? -13.701 0.108   -3.649  1.00 44.20 ? 19  GLU A CD  1 
ATOM   160 O  OE1 . GLU A 1 21 ? -13.317 -1.001  -3.246  1.00 43.48 ? 19  GLU A OE1 1 
ATOM   161 O  OE2 . GLU A 1 21 ? -14.466 0.281   -4.627  1.00 60.26 ? 19  GLU A OE2 1 
ATOM   162 N  N   . ALA A 1 22 ? -8.861  0.134   -1.484  1.00 30.76 ? 20  ALA A N   1 
ATOM   163 C  CA  . ALA A 1 22 ? -7.681  0.265   -0.655  1.00 25.19 ? 20  ALA A CA  1 
ATOM   164 C  C   . ALA A 1 22 ? -6.536  0.834   -1.499  1.00 30.85 ? 20  ALA A C   1 
ATOM   165 O  O   . ALA A 1 22 ? -5.825  1.722   -1.090  1.00 28.60 ? 20  ALA A O   1 
ATOM   166 C  CB  . ALA A 1 22 ? -7.284  -1.066  -0.090  1.00 29.50 ? 20  ALA A CB  1 
ATOM   167 N  N   . ILE A 1 23 ? -6.334  0.246   -2.668  1.00 28.46 ? 21  ILE A N   1 
ATOM   168 C  CA  . ILE A 1 23 ? -5.309  0.773   -3.590  1.00 32.24 ? 21  ILE A CA  1 
ATOM   169 C  C   . ILE A 1 23 ? -5.476  2.230   -3.919  1.00 31.55 ? 21  ILE A C   1 
ATOM   170 O  O   . ILE A 1 23 ? -4.539  2.951   -3.881  1.00 30.62 ? 21  ILE A O   1 
ATOM   171 C  CB  . ILE A 1 23 ? -5.294  -0.079  -4.896  1.00 31.44 ? 21  ILE A CB  1 
ATOM   172 C  CG1 . ILE A 1 23 ? -4.720  -1.445  -4.523  1.00 31.46 ? 21  ILE A CG1 1 
ATOM   173 C  CG2 . ILE A 1 23 ? -4.572  0.672   -6.060  1.00 36.83 ? 21  ILE A CG2 1 
ATOM   174 C  CD1 . ILE A 1 23 ? -5.127  -2.457  -5.526  1.00 34.08 ? 21  ILE A CD1 1 
ATOM   175 N  N   . GLU A 1 24 ? -6.692  2.646   -4.241  1.00 34.08 ? 22  GLU A N   1 
ATOM   176 C  CA  . GLU A 1 24 ? -6.932  4.029   -4.612  1.00 39.02 ? 22  GLU A CA  1 
ATOM   177 C  C   . GLU A 1 24 ? -6.588  4.952   -3.476  1.00 35.38 ? 22  GLU A C   1 
ATOM   178 O  O   . GLU A 1 24 ? -5.987  5.973   -3.706  1.00 36.15 ? 22  GLU A O   1 
ATOM   179 C  CB  . GLU A 1 24 ? -8.349  4.250   -5.213  1.00 40.99 ? 22  GLU A CB  1 
ATOM   180 C  CG  . GLU A 1 24 ? -9.303  5.160   -4.471  1.00 59.04 ? 22  GLU A CG  1 
ATOM   181 C  CD  . GLU A 1 24 ? -10.710 5.240   -5.091  1.00 75.19 ? 22  GLU A CD  1 
ATOM   182 O  OE1 . GLU A 1 24 ? -11.314 4.148   -5.403  1.00 72.86 ? 22  GLU A OE1 1 
ATOM   183 O  OE2 . GLU A 1 24 ? -11.205 6.413   -5.220  1.00 63.91 ? 22  GLU A OE2 1 
ATOM   184 N  N   . TYR A 1 25 ? -6.861  4.568   -2.230  1.00 27.80 ? 23  TYR A N   1 
ATOM   185 C  CA  . TYR A 1 25 ? -6.575  5.455   -1.083  1.00 29.39 ? 23  TYR A CA  1 
ATOM   186 C  C   . TYR A 1 25 ? -5.129  5.422   -0.642  1.00 32.58 ? 23  TYR A C   1 
ATOM   187 O  O   . TYR A 1 25 ? -4.586  6.438   -0.115  1.00 31.56 ? 23  TYR A O   1 
ATOM   188 C  CB  . TYR A 1 25 ? -7.580  5.219   0.090   1.00 28.94 ? 23  TYR A CB  1 
ATOM   189 C  CG  . TYR A 1 25 ? -9.017  5.577   -0.337  1.00 35.11 ? 23  TYR A CG  1 
ATOM   190 C  CD1 . TYR A 1 25 ? -9.304  6.875   -0.763  1.00 42.11 ? 23  TYR A CD1 1 
ATOM   191 C  CD2 . TYR A 1 25 ? -9.998  4.614   -0.524  1.00 32.26 ? 23  TYR A CD2 1 
ATOM   192 C  CE1 . TYR A 1 25 ? -10.581 7.223   -1.253  1.00 51.25 ? 23  TYR A CE1 1 
ATOM   193 C  CE2 . TYR A 1 25 ? -11.242 4.951   -1.088  1.00 35.41 ? 23  TYR A CE2 1 
ATOM   194 C  CZ  . TYR A 1 25 ? -11.529 6.270   -1.372  1.00 44.24 ? 23  TYR A CZ  1 
ATOM   195 O  OH  . TYR A 1 25 ? -12.751 6.624   -1.823  1.00 45.17 ? 23  TYR A OH  1 
ATOM   196 N  N   . TYR A 1 26 ? -4.500  4.251   -0.764  1.00 29.97 ? 24  TYR A N   1 
ATOM   197 C  CA  . TYR A 1 26 ? -3.042  4.172   -0.503  1.00 27.25 ? 24  TYR A CA  1 
ATOM   198 C  C   . TYR A 1 26 ? -2.249  5.033   -1.567  1.00 27.85 ? 24  TYR A C   1 
ATOM   199 O  O   . TYR A 1 26 ? -1.279  5.740   -1.238  1.00 32.22 ? 24  TYR A O   1 
ATOM   200 C  CB  . TYR A 1 26 ? -2.570  2.727   -0.604  1.00 26.66 ? 24  TYR A CB  1 
ATOM   201 C  CG  . TYR A 1 26 ? -3.020  1.778   0.464   1.00 29.87 ? 24  TYR A CG  1 
ATOM   202 C  CD1 . TYR A 1 26 ? -3.198  2.186   1.745   1.00 29.60 ? 24  TYR A CD1 1 
ATOM   203 C  CD2 . TYR A 1 26 ? -3.171  0.428   0.203   1.00 33.24 ? 24  TYR A CD2 1 
ATOM   204 C  CE1 . TYR A 1 26 ? -3.601  1.329   2.721   1.00 28.26 ? 24  TYR A CE1 1 
ATOM   205 C  CE2 . TYR A 1 26 ? -3.508  -0.428  1.170   1.00 26.01 ? 24  TYR A CE2 1 
ATOM   206 C  CZ  . TYR A 1 26 ? -3.753  -0.007  2.423   1.00 28.19 ? 24  TYR A CZ  1 
ATOM   207 O  OH  . TYR A 1 26 ? -4.125  -0.833  3.445   1.00 32.31 ? 24  TYR A OH  1 
ATOM   208 N  N   . GLN A 1 27 ? -2.656  4.971   -2.809  1.00 33.28 ? 25  GLN A N   1 
ATOM   209 C  CA  . GLN A 1 27 ? -2.026  5.810   -3.842  1.00 35.97 ? 25  GLN A CA  1 
ATOM   210 C  C   . GLN A 1 27 ? -2.192  7.311   -3.539  1.00 42.35 ? 25  GLN A C   1 
ATOM   211 O  O   . GLN A 1 27 ? -1.313  8.142   -3.888  1.00 36.34 ? 25  GLN A O   1 
ATOM   212 C  CB  . GLN A 1 27 ? -2.630  5.538   -5.214  1.00 38.63 ? 25  GLN A CB  1 
ATOM   213 C  CG  . GLN A 1 27 ? -2.364  4.165   -5.803  1.00 37.99 ? 25  GLN A CG  1 
ATOM   214 C  CD  . GLN A 1 27 ? -3.131  3.966   -7.136  1.00 48.09 ? 25  GLN A CD  1 
ATOM   215 O  OE1 . GLN A 1 27 ? -4.220  4.527   -7.360  1.00 59.06 ? 25  GLN A OE1 1 
ATOM   216 N  NE2 . GLN A 1 27 ? -2.600  3.115   -7.980  1.00 42.39 ? 25  GLN A NE2 1 
ATOM   217 N  N   . LYS A 1 28 ? -3.328  7.665   -2.931  1.00 40.14 ? 26  LYS A N   1 
ATOM   218 C  CA  . LYS A 1 28 ? -3.578  9.055   -2.575  1.00 37.16 ? 26  LYS A CA  1 
ATOM   219 C  C   . LYS A 1 28 ? -2.714  9.373   -1.383  1.00 35.42 ? 26  LYS A C   1 
ATOM   220 O  O   . LYS A 1 28 ? -2.111  10.440  -1.358  1.00 35.60 ? 26  LYS A O   1 
ATOM   221 C  CB  . LYS A 1 28 ? -5.116  9.367   -2.315  1.00 35.18 ? 26  LYS A CB  1 
ATOM   222 N  N   . ALA A 1 29 ? -2.578  8.469   -0.399  1.00 31.05 ? 27  ALA A N   1 
ATOM   223 C  CA  . ALA A 1 29 ? -1.612  8.720   0.712   1.00 32.84 ? 27  ALA A CA  1 
ATOM   224 C  C   . ALA A 1 29 ? -0.179  8.877   0.198   1.00 35.49 ? 27  ALA A C   1 
ATOM   225 O  O   . ALA A 1 29 ? 0.586   9.687   0.727   1.00 33.84 ? 27  ALA A O   1 
ATOM   226 C  CB  . ALA A 1 29 ? -1.614  7.610   1.767   1.00 35.15 ? 27  ALA A CB  1 
ATOM   227 N  N   . LEU A 1 30 ? 0.179   8.099   -0.829  1.00 38.01 ? 28  LEU A N   1 
ATOM   228 C  CA  . LEU A 1 30 ? 1.514   8.173   -1.434  1.00 39.66 ? 28  LEU A CA  1 
ATOM   229 C  C   . LEU A 1 30 ? 1.756   9.451   -2.270  1.00 36.94 ? 28  LEU A C   1 
ATOM   230 O  O   . LEU A 1 30 ? 2.883   9.932   -2.346  1.00 42.71 ? 28  LEU A O   1 
ATOM   231 C  CB  . LEU A 1 30 ? 1.749   6.920   -2.283  1.00 38.15 ? 28  LEU A CB  1 
ATOM   232 C  CG  . LEU A 1 30 ? 2.013   5.692   -1.364  1.00 39.60 ? 28  LEU A CG  1 
ATOM   233 C  CD1 . LEU A 1 30 ? 1.778   4.355   -2.052  1.00 47.12 ? 28  LEU A CD1 1 
ATOM   234 C  CD2 . LEU A 1 30 ? 3.367   5.739   -0.765  1.00 43.36 ? 28  LEU A CD2 1 
ATOM   235 N  N   . GLU A 1 31 ? 0.733   9.922   -2.985  1.00 39.40 ? 29  GLU A N   1 
ATOM   236 C  CA  . GLU A 1 31 ? 0.831   11.188  -3.676  1.00 42.89 ? 29  GLU A CA  1 
ATOM   237 C  C   . GLU A 1 31 ? 1.210   12.264  -2.661  1.00 44.44 ? 29  GLU A C   1 
ATOM   238 O  O   . GLU A 1 31 ? 1.971   13.122  -3.001  1.00 50.84 ? 29  GLU A O   1 
ATOM   239 C  CB  . GLU A 1 31 ? -0.445  11.534  -4.414  1.00 46.59 ? 29  GLU A CB  1 
ATOM   240 N  N   . LEU A 1 32 ? 0.698   12.226  -1.421  1.00 47.63 ? 30  LEU A N   1 
ATOM   241 C  CA  . LEU A 1 32 ? 1.050   13.192  -0.359  1.00 43.51 ? 30  LEU A CA  1 
ATOM   242 C  C   . LEU A 1 32 ? 2.326   12.911  0.435   1.00 49.98 ? 30  LEU A C   1 
ATOM   243 O  O   . LEU A 1 32 ? 3.016   13.837  0.841   1.00 49.77 ? 30  LEU A O   1 
ATOM   244 C  CB  . LEU A 1 32 ? -0.080  13.308  0.663   1.00 44.35 ? 30  LEU A CB  1 
ATOM   245 C  CG  . LEU A 1 32 ? -1.422  13.846  0.134   1.00 48.15 ? 30  LEU A CG  1 
ATOM   246 C  CD1 . LEU A 1 32 ? -2.499  13.635  1.216   1.00 51.29 ? 30  LEU A CD1 1 
ATOM   247 C  CD2 . LEU A 1 32 ? -1.277  15.311  -0.214  1.00 52.81 ? 30  LEU A CD2 1 
ATOM   248 N  N   . ASP A 1 33 ? 2.605   11.652  0.736   1.00 43.67 ? 31  ASP A N   1 
ATOM   249 C  CA  . ASP A 1 33 ? 3.877   11.303  1.360   1.00 50.45 ? 31  ASP A CA  1 
ATOM   250 C  C   . ASP A 1 33 ? 4.528   10.112  0.631   1.00 53.07 ? 31  ASP A C   1 
ATOM   251 O  O   . ASP A 1 33 ? 4.309   8.945   1.040   1.00 47.07 ? 31  ASP A O   1 
ATOM   252 C  CB  . ASP A 1 33 ? 3.694   10.992  2.834   1.00 47.93 ? 31  ASP A CB  1 
ATOM   253 C  CG  . ASP A 1 33 ? 5.003   10.532  3.501   1.00 55.18 ? 31  ASP A CG  1 
ATOM   254 O  OD1 . ASP A 1 33 ? 6.047   10.583  2.827   1.00 59.33 ? 31  ASP A OD1 1 
ATOM   255 O  OD2 . ASP A 1 33 ? 5.097   10.104  4.672   1.00 54.56 ? 31  ASP A OD2 1 
ATOM   256 N  N   . PRO A 1 34 ? 5.322   10.397  -0.428  1.00 52.55 ? 32  PRO A N   1 
ATOM   257 C  CA  . PRO A 1 34 ? 5.962   9.331   -1.211  1.00 48.29 ? 32  PRO A CA  1 
ATOM   258 C  C   . PRO A 1 34 ? 7.013   8.523   -0.458  1.00 40.94 ? 32  PRO A C   1 
ATOM   259 O  O   . PRO A 1 34 ? 7.450   7.494   -0.960  1.00 47.00 ? 32  PRO A O   1 
ATOM   260 C  CB  . PRO A 1 34 ? 6.512   10.044  -2.470  1.00 52.71 ? 32  PRO A CB  1 
ATOM   261 C  CG  . PRO A 1 34 ? 6.082   11.501  -2.386  1.00 57.32 ? 32  PRO A CG  1 
ATOM   262 C  CD  . PRO A 1 34 ? 5.610   11.739  -0.981  1.00 55.12 ? 32  PRO A CD  1 
ATOM   263 N  N   . ARG A 1 35 ? 7.369   8.893   0.746   1.00 43.05 ? 33  ARG A N   1 
ATOM   264 C  CA  . ARG A 1 35 ? 8.331   8.103   1.525   1.00 48.93 ? 33  ARG A CA  1 
ATOM   265 C  C   . ARG A 1 35 ? 7.694   7.298   2.660   1.00 49.42 ? 33  ARG A C   1 
ATOM   266 O  O   . ARG A 1 35 ? 8.354   6.978   3.661   1.00 46.39 ? 33  ARG A O   1 
ATOM   267 C  CB  . ARG A 1 35 ? 9.427   9.046   2.075   1.00 51.74 ? 33  ARG A CB  1 
ATOM   268 N  N   . SER A 1 36 ? 6.389   7.023   2.532   1.00 45.47 ? 34  SER A N   1 
ATOM   269 C  CA  . SER A 1 36 ? 5.648   6.213   3.526   1.00 46.61 ? 34  SER A CA  1 
ATOM   270 C  C   . SER A 1 36 ? 5.886   4.720   3.157   1.00 43.51 ? 34  SER A C   1 
ATOM   271 O  O   . SER A 1 36 ? 5.345   4.196   2.154   1.00 41.89 ? 34  SER A O   1 
ATOM   272 C  CB  . SER A 1 36 ? 4.115   6.515   3.520   1.00 46.49 ? 34  SER A CB  1 
ATOM   273 O  OG  . SER A 1 36 ? 3.425   5.590   4.384   1.00 45.69 ? 34  SER A OG  1 
ATOM   274 N  N   . ALA A 1 37 ? 6.727   4.061   3.924   1.00 40.66 ? 35  ALA A N   1 
ATOM   275 C  CA  . ALA A 1 37 ? 7.075   2.676   3.636   1.00 43.10 ? 35  ALA A CA  1 
ATOM   276 C  C   . ALA A 1 37 ? 5.816   1.840   3.870   1.00 44.55 ? 35  ALA A C   1 
ATOM   277 O  O   . ALA A 1 37 ? 5.562   0.872   3.143   1.00 41.04 ? 35  ALA A O   1 
ATOM   278 C  CB  . ALA A 1 37 ? 8.214   2.228   4.526   1.00 41.72 ? 35  ALA A CB  1 
ATOM   279 N  N   . GLU A 1 38 ? 5.050   2.267   4.905   1.00 38.21 ? 36  GLU A N   1 
ATOM   280 C  CA  . GLU A 1 38 ? 3.832   1.631   5.352   1.00 32.61 ? 36  GLU A CA  1 
ATOM   281 C  C   . GLU A 1 38 ? 2.809   1.630   4.217   1.00 36.35 ? 36  GLU A C   1 
ATOM   282 O  O   . GLU A 1 38 ? 2.203   0.625   3.957   1.00 35.70 ? 36  GLU A O   1 
ATOM   283 C  CB  . GLU A 1 38 ? 3.256   2.330   6.712   1.00 33.95 ? 36  GLU A CB  1 
ATOM   284 N  N   . ALA A 1 39 ? 2.686   2.735   3.495   1.00 33.60 ? 37  ALA A N   1 
ATOM   285 C  CA  . ALA A 1 39 ? 1.721   2.848   2.443   1.00 39.64 ? 37  ALA A CA  1 
ATOM   286 C  C   . ALA A 1 39 ? 2.150   2.043   1.204   1.00 39.30 ? 37  ALA A C   1 
ATOM   287 O  O   . ALA A 1 39 ? 1.297   1.370   0.571   1.00 34.11 ? 37  ALA A O   1 
ATOM   288 C  CB  . ALA A 1 39 ? 1.490   4.373   2.109   1.00 35.57 ? 37  ALA A CB  1 
ATOM   289 N  N   . TRP A 1 40 ? 3.429   2.113   0.814   1.00 34.00 ? 38  TRP A N   1 
ATOM   290 C  CA  . TRP A 1 40 ? 3.922   1.208   -0.232  1.00 33.65 ? 38  TRP A CA  1 
ATOM   291 C  C   . TRP A 1 40 ? 3.722   -0.291  0.071   1.00 29.56 ? 38  TRP A C   1 
ATOM   292 O  O   . TRP A 1 40 ? 3.347   -1.048  -0.832  1.00 33.59 ? 38  TRP A O   1 
ATOM   293 C  CB  . TRP A 1 40 ? 5.388   1.443   -0.518  1.00 37.10 ? 38  TRP A CB  1 
ATOM   294 C  CG  . TRP A 1 40 ? 5.715   2.788   -1.206  1.00 35.74 ? 38  TRP A CG  1 
ATOM   295 C  CD1 . TRP A 1 40 ? 6.426   3.792   -0.675  1.00 35.38 ? 38  TRP A CD1 1 
ATOM   296 C  CD2 . TRP A 1 40 ? 5.409   3.172   -2.550  1.00 28.90 ? 38  TRP A CD2 1 
ATOM   297 N  NE1 . TRP A 1 40 ? 6.555   4.834   -1.575  1.00 34.34 ? 38  TRP A NE1 1 
ATOM   298 C  CE2 . TRP A 1 40 ? 5.937   4.484   -2.743  1.00 37.42 ? 38  TRP A CE2 1 
ATOM   299 C  CE3 . TRP A 1 40 ? 4.720   2.580   -3.590  1.00 37.83 ? 38  TRP A CE3 1 
ATOM   300 C  CZ2 . TRP A 1 40 ? 5.802   5.182   -3.938  1.00 41.80 ? 38  TRP A CZ2 1 
ATOM   301 C  CZ3 . TRP A 1 40 ? 4.565   3.274   -4.808  1.00 42.99 ? 38  TRP A CZ3 1 
ATOM   302 C  CH2 . TRP A 1 40 ? 5.110   4.567   -4.969  1.00 42.09 ? 38  TRP A CH2 1 
ATOM   303 N  N   . TYR A 1 41 ? 4.085   -0.700  1.265   1.00 30.00 ? 39  TYR A N   1 
ATOM   304 C  CA  . TYR A 1 41 ? 3.907   -2.076  1.761   1.00 34.73 ? 39  TYR A CA  1 
ATOM   305 C  C   . TYR A 1 41 ? 2.455   -2.527  1.704   1.00 36.70 ? 39  TYR A C   1 
ATOM   306 O  O   . TYR A 1 41 ? 2.166   -3.598  1.186   1.00 35.04 ? 39  TYR A O   1 
ATOM   307 C  CB  . TYR A 1 41 ? 4.486   -2.178  3.178   1.00 31.91 ? 39  TYR A CB  1 
ATOM   308 C  CG  . TYR A 1 41 ? 4.487   -3.554  3.749   1.00 40.93 ? 39  TYR A CG  1 
ATOM   309 C  CD1 . TYR A 1 41 ? 5.306   -4.558  3.227   1.00 43.28 ? 39  TYR A CD1 1 
ATOM   310 C  CD2 . TYR A 1 41 ? 3.644   -3.885  4.870   1.00 42.60 ? 39  TYR A CD2 1 
ATOM   311 C  CE1 . TYR A 1 41 ? 5.237   -5.906  3.760   1.00 37.07 ? 39  TYR A CE1 1 
ATOM   312 C  CE2 . TYR A 1 41 ? 3.624   -5.173  5.418   1.00 40.45 ? 39  TYR A CE2 1 
ATOM   313 C  CZ  . TYR A 1 41 ? 4.378   -6.177  4.833   1.00 42.36 ? 39  TYR A CZ  1 
ATOM   314 O  OH  . TYR A 1 41 ? 4.352   -7.454  5.374   1.00 46.75 ? 39  TYR A OH  1 
ATOM   315 N  N   . ASN A 1 42 ? 1.525   -1.670  2.176   1.00 34.56 ? 40  ASN A N   1 
ATOM   316 C  CA  . ASN A 1 42 ? 0.135   -2.075  2.228   1.00 31.62 ? 40  ASN A CA  1 
ATOM   317 C  C   . ASN A 1 42 ? -0.397  -2.038  0.844   1.00 31.63 ? 40  ASN A C   1 
ATOM   318 O  O   . ASN A 1 42 ? -1.284  -2.791  0.472   1.00 33.45 ? 40  ASN A O   1 
ATOM   319 C  CB  . ASN A 1 42 ? -0.653  -1.180  3.238   1.00 33.49 ? 40  ASN A CB  1 
ATOM   320 C  CG  . ASN A 1 42 ? -0.488  -1.625  4.704   1.00 40.41 ? 40  ASN A CG  1 
ATOM   321 O  OD1 . ASN A 1 42 ? 0.181   -2.645  4.888   1.00 46.00 ? 40  ASN A OD1 1 
ATOM   322 N  ND2 . ASN A 1 42 ? -1.187  -0.909  5.487   0.00 46.02 ? 40  ASN A ND2 1 
ATOM   323 N  N   . LEU A 1 43 ? 0.170   -1.170  0.008   1.00 29.33 ? 41  LEU A N   1 
ATOM   324 C  CA  . LEU A 1 43 ? -0.154  -1.173  -1.421  1.00 32.13 ? 41  LEU A CA  1 
ATOM   325 C  C   . LEU A 1 43 ? 0.244   -2.531  -2.015  1.00 25.00 ? 41  LEU A C   1 
ATOM   326 O  O   . LEU A 1 43 ? -0.564  -3.151  -2.759  1.00 30.53 ? 41  LEU A O   1 
ATOM   327 C  CB  . LEU A 1 43 ? 0.672   -0.075  -2.161  1.00 35.05 ? 41  LEU A CB  1 
ATOM   328 C  CG  . LEU A 1 43 ? 0.164   0.833   -3.234  1.00 48.91 ? 41  LEU A CG  1 
ATOM   329 C  CD1 . LEU A 1 43 ? 1.254   1.173   -4.377  1.00 39.61 ? 41  LEU A CD1 1 
ATOM   330 C  CD2 . LEU A 1 43 ? -1.137  0.393   -3.758  1.00 34.17 ? 41  LEU A CD2 1 
ATOM   331 N  N   . GLY A 1 44 ? 1.479   -2.969  -1.688  1.00 29.45 ? 42  GLY A N   1 
ATOM   332 C  CA  . GLY A 1 44 ? 1.955   -4.273  -2.150  1.00 32.07 ? 42  GLY A CA  1 
ATOM   333 C  C   . GLY A 1 44 ? 0.993   -5.382  -1.642  1.00 30.08 ? 42  GLY A C   1 
ATOM   334 O  O   . GLY A 1 44 ? 0.621   -6.325  -2.356  1.00 30.54 ? 42  GLY A O   1 
ATOM   335 N  N   . ASN A 1 45 ? 0.558   -5.269  -0.396  1.00 27.85 ? 43  ASN A N   1 
ATOM   336 C  CA  . ASN A 1 45 ? -0.322  -6.292  0.195   1.00 31.82 ? 43  ASN A CA  1 
ATOM   337 C  C   . ASN A 1 45 ? -1.610  -6.386  -0.561  1.00 30.75 ? 43  ASN A C   1 
ATOM   338 O  O   . ASN A 1 45 ? -2.102  -7.487  -0.805  1.00 34.92 ? 43  ASN A O   1 
ATOM   339 C  CB  . ASN A 1 45 ? -0.584  -6.011  1.680   1.00 32.18 ? 43  ASN A CB  1 
ATOM   340 C  CG  . ASN A 1 45 ? 0.631   -6.304  2.548   1.00 34.85 ? 43  ASN A CG  1 
ATOM   341 O  OD1 . ASN A 1 45 ? 1.474   -7.105  2.216   1.00 32.88 ? 43  ASN A OD1 1 
ATOM   342 N  ND2 . ASN A 1 45 ? 0.688   -5.678  3.699   1.00 37.85 ? 43  ASN A ND2 1 
ATOM   343 N  N   . ALA A 1 46 ? -2.164  -5.217  -0.951  1.00 29.98 ? 44  ALA A N   1 
ATOM   344 C  CA  . ALA A 1 46 ? -3.398  -5.089  -1.670  1.00 28.52 ? 44  ALA A CA  1 
ATOM   345 C  C   . ALA A 1 46 ? -3.337  -5.713  -3.019  1.00 34.89 ? 44  ALA A C   1 
ATOM   346 O  O   . ALA A 1 46 ? -4.198  -6.553  -3.415  1.00 34.35 ? 44  ALA A O   1 
ATOM   347 C  CB  . ALA A 1 46 ? -3.834  -3.608  -1.752  1.00 31.69 ? 44  ALA A CB  1 
ATOM   348 N  N   . TYR A 1 47 ? -2.236  -5.436  -3.711  1.00 30.77 ? 45  TYR A N   1 
ATOM   349 C  CA  . TYR A 1 47 ? -2.040  -6.113  -5.004  1.00 33.74 ? 45  TYR A CA  1 
ATOM   350 C  C   . TYR A 1 47 ? -1.801  -7.620  -4.790  1.00 25.54 ? 45  TYR A C   1 
ATOM   351 O  O   . TYR A 1 47 ? -2.309  -8.450  -5.545  1.00 28.08 ? 45  TYR A O   1 
ATOM   352 C  CB  . TYR A 1 47 ? -0.891  -5.443  -5.820  1.00 31.97 ? 45  TYR A CB  1 
ATOM   353 C  CG  . TYR A 1 47 ? -1.338  -4.134  -6.534  1.00 27.50 ? 45  TYR A CG  1 
ATOM   354 C  CD1 . TYR A 1 47 ? -2.032  -4.205  -7.730  1.00 32.89 ? 45  TYR A CD1 1 
ATOM   355 C  CD2 . TYR A 1 47 ? -1.003  -2.895  -6.068  1.00 36.81 ? 45  TYR A CD2 1 
ATOM   356 C  CE1 . TYR A 1 47 ? -2.477  -3.102  -8.410  1.00 30.04 ? 45  TYR A CE1 1 
ATOM   357 C  CE2 . TYR A 1 47 ? -1.408  -1.753  -6.770  1.00 34.40 ? 45  TYR A CE2 1 
ATOM   358 C  CZ  . TYR A 1 47 ? -2.154  -1.866  -7.950  1.00 37.66 ? 45  TYR A CZ  1 
ATOM   359 O  OH  . TYR A 1 47 ? -2.625  -0.778  -8.678  1.00 36.92 ? 45  TYR A OH  1 
ATOM   360 N  N   . TYR A 1 48 ? -1.041  -7.992  -3.752  1.00 27.77 ? 46  TYR A N   1 
ATOM   361 C  CA  . TYR A 1 48 ? -0.855  -9.425  -3.476  1.00 29.51 ? 46  TYR A CA  1 
ATOM   362 C  C   . TYR A 1 48 ? -2.195  -10.152 -3.309  1.00 35.07 ? 46  TYR A C   1 
ATOM   363 O  O   . TYR A 1 48 ? -2.449  -11.228 -3.896  1.00 31.48 ? 46  TYR A O   1 
ATOM   364 C  CB  . TYR A 1 48 ? -0.014  -9.613  -2.198  1.00 32.41 ? 46  TYR A CB  1 
ATOM   365 C  CG  . TYR A 1 48 ? 0.463   -11.036 -1.968  1.00 31.13 ? 46  TYR A CG  1 
ATOM   366 C  CD1 . TYR A 1 48 ? -0.356  -11.980 -1.394  1.00 35.72 ? 46  TYR A CD1 1 
ATOM   367 C  CD2 . TYR A 1 48 ? 1.809   -11.383 -2.213  1.00 30.19 ? 46  TYR A CD2 1 
ATOM   368 C  CE1 . TYR A 1 48 ? 0.090   -13.322 -1.156  1.00 37.61 ? 46  TYR A CE1 1 
ATOM   369 C  CE2 . TYR A 1 48 ? 2.283   -12.679 -1.930  1.00 32.44 ? 46  TYR A CE2 1 
ATOM   370 C  CZ  . TYR A 1 48 ? 1.411   -13.638 -1.412  1.00 29.49 ? 46  TYR A CZ  1 
ATOM   371 O  OH  . TYR A 1 48 ? 1.872   -14.888 -1.158  1.00 32.40 ? 46  TYR A OH  1 
ATOM   372 N  N   . LYS A 1 49 ? -3.092  -9.547  -2.554  1.00 34.58 ? 47  LYS A N   1 
ATOM   373 C  CA  . LYS A 1 49 ? -4.425  -10.118 -2.392  1.00 34.46 ? 47  LYS A CA  1 
ATOM   374 C  C   . LYS A 1 49 ? -5.261  -10.200 -3.705  1.00 36.81 ? 47  LYS A C   1 
ATOM   375 O  O   . LYS A 1 49 ? -6.108  -11.052 -3.825  1.00 33.01 ? 47  LYS A O   1 
ATOM   376 C  CB  . LYS A 1 49 ? -5.249  -9.357  -1.344  1.00 31.82 ? 47  LYS A CB  1 
ATOM   377 C  CG  . LYS A 1 49 ? -4.635  -9.424  0.060   1.00 32.67 ? 47  LYS A CG  1 
ATOM   378 C  CD  . LYS A 1 49 ? -4.691  -10.921 0.588   1.00 44.74 ? 47  LYS A CD  1 
ATOM   379 C  CE  . LYS A 1 49 ? -4.990  -10.984 2.080   1.00 47.88 ? 47  LYS A CE  1 
ATOM   380 N  NZ  . LYS A 1 49 ? -5.018  -12.387 2.526   1.00 40.10 ? 47  LYS A NZ  1 
ATOM   381 N  N   . GLN A 1 50 ? -5.021  -9.322  -4.666  1.00 38.76 ? 48  GLN A N   1 
ATOM   382 C  CA  . GLN A 1 50 ? -5.720  -9.379  -5.946  1.00 37.60 ? 48  GLN A CA  1 
ATOM   383 C  C   . GLN A 1 50 ? -5.061  -10.407 -6.835  1.00 39.95 ? 48  GLN A C   1 
ATOM   384 O  O   . GLN A 1 50 ? -5.541  -10.681 -7.944  1.00 37.31 ? 48  GLN A O   1 
ATOM   385 C  CB  . GLN A 1 50 ? -5.729  -7.995  -6.617  1.00 39.18 ? 48  GLN A CB  1 
ATOM   386 C  CG  . GLN A 1 50 ? -6.718  -6.990  -6.039  1.00 45.63 ? 48  GLN A CG  1 
ATOM   387 C  CD  . GLN A 1 50 ? -6.708  -5.652  -6.793  1.00 47.03 ? 48  GLN A CD  1 
ATOM   388 O  OE1 . GLN A 1 50 ? -5.692  -5.274  -7.445  1.00 39.52 ? 48  GLN A OE1 1 
ATOM   389 N  NE2 . GLN A 1 50 ? -7.869  -4.984  -6.805  1.00 38.96 ? 48  GLN A NE2 1 
ATOM   390 N  N   . GLY A 1 51 ? -3.959  -11.003 -6.359  1.00 36.56 ? 49  GLY A N   1 
ATOM   391 C  CA  . GLY A 1 51 ? -3.227  -11.948 -7.203  1.00 36.84 ? 49  GLY A CA  1 
ATOM   392 C  C   . GLY A 1 51 ? -2.273  -11.261 -8.197  1.00 32.90 ? 49  GLY A C   1 
ATOM   393 O  O   . GLY A 1 51 ? -1.800  -11.924 -9.131  1.00 35.11 ? 49  GLY A O   1 
ATOM   394 N  N   . ASP A 1 52 ? -2.002  -9.932  -8.049  1.00 32.41 ? 50  ASP A N   1 
ATOM   395 C  CA  . ASP A 1 52 ? -1.002  -9.340  -8.927  1.00 34.74 ? 50  ASP A CA  1 
ATOM   396 C  C   . ASP A 1 52 ? 0.381   -9.312  -8.304  1.00 28.42 ? 50  ASP A C   1 
ATOM   397 O  O   . ASP A 1 52 ? 0.806   -8.319  -7.784  1.00 24.92 ? 50  ASP A O   1 
ATOM   398 C  CB  . ASP A 1 52 ? -1.381  -7.965  -9.457  1.00 38.14 ? 50  ASP A CB  1 
ATOM   399 C  CG  . ASP A 1 52 ? -0.472  -7.557  -10.666 1.00 54.57 ? 50  ASP A CG  1 
ATOM   400 O  OD1 . ASP A 1 52 ? 0.643   -8.174  -11.015 1.00 41.63 ? 50  ASP A OD1 1 
ATOM   401 O  OD2 . ASP A 1 52 ? -0.836  -6.581  -11.302 1.00 34.45 ? 50  ASP A OD2 1 
ATOM   402 N  N   . TYR A 1 53 ? 1.050   -10.446 -8.346  1.00 25.56 ? 51  TYR A N   1 
ATOM   403 C  CA  . TYR A 1 53 ? 2.269   -10.608 -7.572  1.00 31.20 ? 51  TYR A CA  1 
ATOM   404 C  C   . TYR A 1 53 ? 3.383   -9.776  -8.118  1.00 32.13 ? 51  TYR A C   1 
ATOM   405 O  O   . TYR A 1 53 ? 4.243   -9.323  -7.379  1.00 27.21 ? 51  TYR A O   1 
ATOM   406 C  CB  . TYR A 1 53 ? 2.648   -12.067 -7.497  1.00 29.07 ? 51  TYR A CB  1 
ATOM   407 C  CG  . TYR A 1 53 ? 1.531   -12.907 -6.943  1.00 30.87 ? 51  TYR A CG  1 
ATOM   408 C  CD1 . TYR A 1 53 ? 1.143   -12.744 -5.616  1.00 28.46 ? 51  TYR A CD1 1 
ATOM   409 C  CD2 . TYR A 1 53 ? 0.875   -13.874 -7.723  1.00 32.78 ? 51  TYR A CD2 1 
ATOM   410 C  CE1 . TYR A 1 53 ? 0.104   -13.496 -5.078  1.00 31.47 ? 51  TYR A CE1 1 
ATOM   411 C  CE2 . TYR A 1 53 ? -0.205  -14.621 -7.174  1.00 35.05 ? 51  TYR A CE2 1 
ATOM   412 C  CZ  . TYR A 1 53 ? -0.552  -14.430 -5.849  1.00 41.29 ? 51  TYR A CZ  1 
ATOM   413 O  OH  . TYR A 1 53 ? -1.517  -15.178 -5.209  1.00 36.08 ? 51  TYR A OH  1 
ATOM   414 N  N   . ASP A 1 54 ? 3.333   -9.473  -9.394  1.00 26.09 ? 52  ASP A N   1 
ATOM   415 C  CA  . ASP A 1 54 ? 4.397   -8.590  -9.979  1.00 27.46 ? 52  ASP A CA  1 
ATOM   416 C  C   . ASP A 1 54 ? 4.286   -7.166  -9.474  1.00 24.11 ? 52  ASP A C   1 
ATOM   417 O  O   . ASP A 1 54 ? 5.310   -6.453  -9.272  1.00 30.10 ? 52  ASP A O   1 
ATOM   418 C  CB  . ASP A 1 54 ? 4.361   -8.630  -11.462 1.00 28.90 ? 52  ASP A CB  1 
ATOM   419 N  N   . GLU A 1 55 ? 3.086   -6.706  -9.208  1.00 27.91 ? 53  GLU A N   1 
ATOM   420 C  CA  . GLU A 1 55 ? 2.957   -5.336  -8.612  1.00 23.89 ? 53  GLU A CA  1 
ATOM   421 C  C   . GLU A 1 55 ? 3.327   -5.377  -7.156  1.00 30.91 ? 53  GLU A C   1 
ATOM   422 O  O   . GLU A 1 55 ? 3.921   -4.461  -6.668  1.00 27.08 ? 53  GLU A O   1 
ATOM   423 C  CB  . GLU A 1 55 ? 1.509   -4.859  -8.729  1.00 39.80 ? 53  GLU A CB  1 
ATOM   424 C  CG  . GLU A 1 55 ? 1.330   -3.528  -9.393  1.00 39.59 ? 53  GLU A CG  1 
ATOM   425 C  CD  . GLU A 1 55 ? 1.534   -3.625  -10.859 1.00 51.97 ? 53  GLU A CD  1 
ATOM   426 O  OE1 . GLU A 1 55 ? 1.023   -4.681  -11.479 1.00 47.49 ? 53  GLU A OE1 1 
ATOM   427 O  OE2 . GLU A 1 55 ? 2.283   -2.716  -11.329 1.00 79.98 ? 53  GLU A OE2 1 
ATOM   428 N  N   . ALA A 1 56 ? 2.889   -6.432  -6.424  1.00 28.67 ? 54  ALA A N   1 
ATOM   429 C  CA  . ALA A 1 56 ? 3.341   -6.606  -5.048  1.00 31.74 ? 54  ALA A CA  1 
ATOM   430 C  C   . ALA A 1 56 ? 4.873   -6.573  -4.942  1.00 28.19 ? 54  ALA A C   1 
ATOM   431 O  O   . ALA A 1 56 ? 5.423   -5.917  -4.066  1.00 33.70 ? 54  ALA A O   1 
ATOM   432 C  CB  . ALA A 1 56 ? 2.748   -7.918  -4.445  1.00 30.74 ? 54  ALA A CB  1 
ATOM   433 N  N   . ILE A 1 57 ? 5.593   -7.237  -5.853  1.00 26.70 ? 55  ILE A N   1 
ATOM   434 C  CA  . ILE A 1 57 ? 7.015   -7.167  -5.844  1.00 26.41 ? 55  ILE A CA  1 
ATOM   435 C  C   . ILE A 1 57 ? 7.514   -5.752  -5.940  1.00 30.72 ? 55  ILE A C   1 
ATOM   436 O  O   . ILE A 1 57 ? 8.373   -5.314  -5.139  1.00 25.76 ? 55  ILE A O   1 
ATOM   437 C  CB  . ILE A 1 57 ? 7.600   -8.107  -6.961  1.00 29.77 ? 55  ILE A CB  1 
ATOM   438 C  CG1 . ILE A 1 57 ? 7.449   -9.549  -6.495  1.00 30.01 ? 55  ILE A CG1 1 
ATOM   439 C  CG2 . ILE A 1 57 ? 9.053   -7.755  -7.255  1.00 35.67 ? 55  ILE A CG2 1 
ATOM   440 C  CD1 . ILE A 1 57 ? 7.359   -10.609 -7.649  1.00 38.10 ? 55  ILE A CD1 1 
ATOM   441 N  N   . GLU A 1 58 ? 6.996   -5.037  -6.956  1.00 32.55 ? 56  GLU A N   1 
ATOM   442 C  CA  . GLU A 1 58 ? 7.332   -3.649  -7.175  1.00 32.91 ? 56  GLU A CA  1 
ATOM   443 C  C   . GLU A 1 58 ? 7.211   -2.769  -5.951  1.00 35.18 ? 56  GLU A C   1 
ATOM   444 O  O   . GLU A 1 58 ? 8.127   -2.038  -5.574  1.00 27.81 ? 56  GLU A O   1 
ATOM   445 C  CB  . GLU A 1 58 ? 6.482   -3.117  -8.379  1.00 32.95 ? 56  GLU A CB  1 
ATOM   446 C  CG  . GLU A 1 58 ? 6.611   -1.633  -8.602  1.00 40.66 ? 56  GLU A CG  1 
ATOM   447 C  CD  . GLU A 1 58 ? 7.959   -1.256  -9.215  1.00 45.94 ? 56  GLU A CD  1 
ATOM   448 O  OE1 . GLU A 1 58 ? 8.664   -2.083  -9.921  1.00 37.75 ? 56  GLU A OE1 1 
ATOM   449 O  OE2 . GLU A 1 58 ? 8.268   -0.075  -9.007  1.00 45.07 ? 56  GLU A OE2 1 
ATOM   450 N  N   . TYR A 1 59 ? 6.072   -2.860  -5.277  1.00 29.38 ? 57  TYR A N   1 
ATOM   451 C  CA  . TYR A 1 59 ? 5.809   -1.980  -4.135  1.00 33.77 ? 57  TYR A CA  1 
ATOM   452 C  C   . TYR A 1 59 ? 6.447   -2.458  -2.855  1.00 35.37 ? 57  TYR A C   1 
ATOM   453 O  O   . TYR A 1 59 ? 6.921   -1.650  -2.040  1.00 30.45 ? 57  TYR A O   1 
ATOM   454 C  CB  . TYR A 1 59 ? 4.258   -1.721  -4.024  1.00 32.22 ? 57  TYR A CB  1 
ATOM   455 C  CG  . TYR A 1 59 ? 3.634   -1.088  -5.305  1.00 38.32 ? 57  TYR A CG  1 
ATOM   456 C  CD1 . TYR A 1 59 ? 4.261   -0.009  -6.001  1.00 39.60 ? 57  TYR A CD1 1 
ATOM   457 C  CD2 . TYR A 1 59 ? 2.454   -1.572  -5.842  1.00 36.64 ? 57  TYR A CD2 1 
ATOM   458 C  CE1 . TYR A 1 59 ? 3.675   0.566   -7.188  1.00 32.09 ? 57  TYR A CE1 1 
ATOM   459 C  CE2 . TYR A 1 59 ? 1.910   -1.034  -7.052  1.00 38.85 ? 57  TYR A CE2 1 
ATOM   460 C  CZ  . TYR A 1 59 ? 2.525   0.068   -7.684  1.00 38.80 ? 57  TYR A CZ  1 
ATOM   461 O  OH  . TYR A 1 59 ? 1.933   0.594   -8.821  1.00 41.63 ? 57  TYR A OH  1 
ATOM   462 N  N   . TYR A 1 60 ? 6.500   -3.787  -2.652  1.00 30.27 ? 58  TYR A N   1 
ATOM   463 C  CA  . TYR A 1 60 ? 7.290   -4.291  -1.530  1.00 31.08 ? 58  TYR A CA  1 
ATOM   464 C  C   . TYR A 1 60 ? 8.747   -3.859  -1.684  1.00 32.09 ? 58  TYR A C   1 
ATOM   465 O  O   . TYR A 1 60 ? 9.401   -3.551  -0.694  1.00 27.60 ? 58  TYR A O   1 
ATOM   466 C  CB  . TYR A 1 60 ? 7.312   -5.796  -1.453  1.00 29.66 ? 58  TYR A CB  1 
ATOM   467 C  CG  . TYR A 1 60 ? 6.089   -6.435  -1.001  1.00 27.22 ? 58  TYR A CG  1 
ATOM   468 C  CD1 . TYR A 1 60 ? 5.813   -7.746  -1.394  1.00 29.74 ? 58  TYR A CD1 1 
ATOM   469 C  CD2 . TYR A 1 60 ? 5.169   -5.794  -0.175  1.00 31.23 ? 58  TYR A CD2 1 
ATOM   470 C  CE1 . TYR A 1 60 ? 4.641   -8.398  -0.984  1.00 27.65 ? 58  TYR A CE1 1 
ATOM   471 C  CE2 . TYR A 1 60 ? 3.911   -6.476  0.249   1.00 29.71 ? 58  TYR A CE2 1 
ATOM   472 C  CZ  . TYR A 1 60 ? 3.719   -7.775  -0.116  1.00 24.08 ? 58  TYR A CZ  1 
ATOM   473 O  OH  . TYR A 1 60 ? 2.617   -8.439  0.285   1.00 27.43 ? 58  TYR A OH  1 
ATOM   474 N  N   . GLN A 1 61 ? 9.295   -3.831  -2.888  1.00 30.00 ? 59  GLN A N   1 
ATOM   475 C  CA  . GLN A 1 61 ? 10.683  -3.445  -2.971  1.00 34.33 ? 59  GLN A CA  1 
ATOM   476 C  C   . GLN A 1 61 ? 10.891  -1.973  -2.667  1.00 33.71 ? 59  GLN A C   1 
ATOM   477 O  O   . GLN A 1 61 ? 11.916  -1.615  -2.092  1.00 33.95 ? 59  GLN A O   1 
ATOM   478 C  CB  . GLN A 1 61 ? 11.324  -3.870  -4.271  1.00 37.81 ? 59  GLN A CB  1 
ATOM   479 C  CG  . GLN A 1 61 ? 12.389  -4.907  -3.981  1.00 45.56 ? 59  GLN A CG  1 
ATOM   480 C  CD  . GLN A 1 61 ? 12.366  -6.050  -4.959  1.00 46.85 ? 59  GLN A CD  1 
ATOM   481 O  OE1 . GLN A 1 61 ? 11.572  -6.063  -5.895  1.00 69.82 ? 59  GLN A OE1 1 
ATOM   482 N  NE2 . GLN A 1 61 ? 13.141  -7.113  -4.939  1.00 39.06 ? 59  GLN A NE2 1 
ATOM   483 N  N   . LYS A 1 62 ? 9.925   -1.107  -3.064  1.00 38.10 ? 60  LYS A N   1 
ATOM   484 C  CA  . LYS A 1 62 ? 10.010  0.325   -2.753  1.00 33.80 ? 60  LYS A CA  1 
ATOM   485 C  C   . LYS A 1 62 ? 9.930   0.521   -1.250  1.00 34.88 ? 60  LYS A C   1 
ATOM   486 O  O   . LYS A 1 62 ? 10.664  1.326   -0.678  1.00 30.96 ? 60  LYS A O   1 
ATOM   487 C  CB  . LYS A 1 62 ? 8.868   1.092   -3.386  1.00 36.66 ? 60  LYS A CB  1 
ATOM   488 C  CG  . LYS A 1 62 ? 9.172   1.541   -4.791  1.00 45.76 ? 60  LYS A CG  1 
ATOM   489 C  CD  . LYS A 1 62 ? 7.949   2.132   -5.484  1.00 49.14 ? 60  LYS A CD  1 
ATOM   490 C  CE  . LYS A 1 62 ? 8.321   2.625   -6.875  1.00 45.73 ? 60  LYS A CE  1 
ATOM   491 N  NZ  . LYS A 1 62 ? 7.112   2.905   -7.699  0.00 48.89 ? 60  LYS A NZ  1 
ATOM   492 N  N   . ALA A 1 63 ? 9.048   -0.244  -0.604  1.00 33.46 ? 61  ALA A N   1 
ATOM   493 C  CA  . ALA A 1 63 ? 8.945   -0.186  0.839   1.00 31.04 ? 61  ALA A CA  1 
ATOM   494 C  C   . ALA A 1 63 ? 10.203  -0.656  1.559   1.00 34.98 ? 61  ALA A C   1 
ATOM   495 O  O   . ALA A 1 63 ? 10.679  0.019   2.446   1.00 39.97 ? 61  ALA A O   1 
ATOM   496 C  CB  . ALA A 1 63 ? 7.731   -0.987  1.328   1.00 39.37 ? 61  ALA A CB  1 
ATOM   497 N  N   . LEU A 1 64 ? 10.780  -1.772  1.157   1.00 33.18 ? 62  LEU A N   1 
ATOM   498 C  CA  . LEU A 1 64 ? 11.986  -2.288  1.822   1.00 36.10 ? 62  LEU A CA  1 
ATOM   499 C  C   . LEU A 1 64 ? 13.221  -1.397  1.637   1.00 40.24 ? 62  LEU A C   1 
ATOM   500 O  O   . LEU A 1 64 ? 14.101  -1.315  2.508   1.00 41.37 ? 62  LEU A O   1 
ATOM   501 C  CB  . LEU A 1 64 ? 12.342  -3.690  1.351   1.00 36.04 ? 62  LEU A CB  1 
ATOM   502 C  CG  . LEU A 1 64 ? 11.441  -4.726  2.044   1.00 47.24 ? 62  LEU A CG  1 
ATOM   503 C  CD1 . LEU A 1 64 ? 11.521  -6.010  1.247   1.00 56.51 ? 62  LEU A CD1 1 
ATOM   504 C  CD2 . LEU A 1 64 ? 11.791  -4.928  3.568   1.00 46.04 ? 62  LEU A CD2 1 
ATOM   505 N  N   . GLU A 1 65 ? 13.279  -0.738  0.488   1.00 40.42 ? 63  GLU A N   1 
ATOM   506 C  CA  . GLU A 1 65 ? 14.279  0.269   0.219   1.00 42.10 ? 63  GLU A CA  1 
ATOM   507 C  C   . GLU A 1 65 ? 14.126  1.508   1.109   1.00 40.07 ? 63  GLU A C   1 
ATOM   508 O  O   . GLU A 1 65 ? 15.115  2.037   1.529   1.00 41.40 ? 63  GLU A O   1 
ATOM   509 C  CB  . GLU A 1 65 ? 14.200  0.587   -1.266  1.00 42.39 ? 63  GLU A CB  1 
ATOM   510 C  CG  . GLU A 1 65 ? 15.002  1.720   -1.794  1.00 52.92 ? 63  GLU A CG  1 
ATOM   511 C  CD  . GLU A 1 65 ? 14.687  1.860   -3.271  1.00 48.84 ? 63  GLU A CD  1 
ATOM   512 O  OE1 . GLU A 1 65 ? 13.933  2.813   -3.664  1.00 55.64 ? 63  GLU A OE1 1 
ATOM   513 O  OE2 . GLU A 1 65 ? 15.119  0.932   -3.982  1.00 51.37 ? 63  GLU A OE2 1 
ATOM   514 N  N   . LEU A 1 66 ? 12.907  1.964   1.436   1.00 44.22 ? 64  LEU A N   1 
ATOM   515 C  CA  . LEU A 1 66 ? 12.718  3.027   2.480   1.00 45.75 ? 64  LEU A CA  1 
ATOM   516 C  C   . LEU A 1 66 ? 12.985  2.488   3.897   1.00 46.54 ? 64  LEU A C   1 
ATOM   517 O  O   . LEU A 1 66 ? 13.416  3.201   4.785   1.00 50.69 ? 64  LEU A O   1 
ATOM   518 C  CB  . LEU A 1 66 ? 11.306  3.720   2.439   1.00 44.18 ? 64  LEU A CB  1 
ATOM   519 C  CG  . LEU A 1 66 ? 10.870  4.531   1.203   1.00 46.12 ? 64  LEU A CG  1 
ATOM   520 C  CD1 . LEU A 1 66 ? 9.575   4.900   1.188   0.00 44.72 ? 64  LEU A CD1 1 
ATOM   521 C  CD2 . LEU A 1 66 ? 11.987  5.430   0.789   0.00 52.69 ? 64  LEU A CD2 1 
ATOM   522 N  N   . ASP A 1 67 ? 12.720  1.227   4.149   1.00 43.76 ? 65  ASP A N   1 
ATOM   523 C  CA  . ASP A 1 67 ? 12.866  0.739   5.510   1.00 45.17 ? 65  ASP A CA  1 
ATOM   524 C  C   . ASP A 1 67 ? 13.118  -0.787  5.530   1.00 47.57 ? 65  ASP A C   1 
ATOM   525 O  O   . ASP A 1 67 ? 12.160  -1.556  5.474   1.00 49.44 ? 65  ASP A O   1 
ATOM   526 C  CB  . ASP A 1 67 ? 11.585  1.104   6.285   1.00 49.22 ? 65  ASP A CB  1 
ATOM   527 C  CG  . ASP A 1 67 ? 11.625  0.672   7.758   1.00 51.31 ? 65  ASP A CG  1 
ATOM   528 O  OD1 . ASP A 1 67 ? 12.556  -0.115  8.133   1.00 44.78 ? 65  ASP A OD1 1 
ATOM   529 O  OD2 . ASP A 1 67 ? 10.749  1.084   8.584   1.00 57.23 ? 65  ASP A OD2 1 
ATOM   530 N  N   . PRO A 1 68 ? 14.377  -1.225  5.538   1.00 50.98 ? 66  PRO A N   1 
ATOM   531 C  CA  . PRO A 1 68 ? 14.668  -2.658  5.428   1.00 49.23 ? 66  PRO A CA  1 
ATOM   532 C  C   . PRO A 1 68 ? 14.513  -3.470  6.752   1.00 54.11 ? 66  PRO A C   1 
ATOM   533 O  O   . PRO A 1 68 ? 14.956  -4.616  6.860   1.00 48.99 ? 66  PRO A O   1 
ATOM   534 C  CB  . PRO A 1 68 ? 16.122  -2.668  4.946   1.00 49.06 ? 66  PRO A CB  1 
ATOM   535 C  CG  . PRO A 1 68 ? 16.740  -1.385  5.422   1.00 50.94 ? 66  PRO A CG  1 
ATOM   536 C  CD  . PRO A 1 68 ? 15.613  -0.407  5.629   1.00 51.39 ? 66  PRO A CD  1 
ATOM   537 N  N   . ARG A 1 69 ? 13.892  -2.900  7.771   1.00 55.68 ? 67  ARG A N   1 
ATOM   538 C  CA  . ARG A 1 69 ? 14.031  -3.514  9.095   1.00 60.26 ? 67  ARG A CA  1 
ATOM   539 C  C   . ARG A 1 69 ? 13.154  -4.749  9.243   1.00 60.08 ? 67  ARG A C   1 
ATOM   540 O  O   . ARG A 1 69 ? 13.554  -5.686  9.955   1.00 58.72 ? 67  ARG A O   1 
ATOM   541 C  CB  . ARG A 1 69 ? 13.758  -2.500  10.234  1.00 57.53 ? 67  ARG A CB  1 
ATOM   542 C  CG  . ARG A 1 69 ? 14.708  -1.280  10.212  1.00 57.25 ? 67  ARG A CG  1 
ATOM   543 C  CD  . ARG A 1 69 ? 14.339  -0.200  11.186  1.00 52.75 ? 67  ARG A CD  1 
ATOM   544 N  NE  . ARG A 1 69 ? 13.026  0.375   10.895  1.00 58.76 ? 67  ARG A NE  1 
ATOM   545 C  CZ  . ARG A 1 69 ? 12.341  1.141   11.741  1.00 57.85 ? 67  ARG A CZ  1 
ATOM   546 N  NH1 . ARG A 1 69 ? 12.821  1.419   12.941  1.00 55.40 ? 67  ARG A NH1 1 
ATOM   547 N  NH2 . ARG A 1 69 ? 11.163  1.629   11.394  1.00 63.67 ? 67  ARG A NH2 1 
ATOM   548 N  N   . SER A 1 70 ? 12.008  -4.760  8.542   1.00 53.80 ? 68  SER A N   1 
ATOM   549 C  CA  . SER A 1 70 ? 10.962  -5.717  8.824   1.00 55.24 ? 68  SER A CA  1 
ATOM   550 C  C   . SER A 1 70 ? 11.103  -7.036  8.062   1.00 59.90 ? 68  SER A C   1 
ATOM   551 O  O   . SER A 1 70 ? 11.188  -7.318  6.865   1.00 53.47 ? 68  SER A O   1 
ATOM   552 C  CB  . SER A 1 70 ? 9.576   -5.179  8.552   1.00 56.49 ? 68  SER A CB  1 
ATOM   553 O  OG  . SER A 1 70 ? 8.651   -6.257  8.616   1.00 49.56 ? 68  SER A OG  1 
ATOM   554 O  OXT . SER A 1 70 ? 11.070  -8.025  8.742   1.00 64.86 ? 68  SER A OXT 1 
HETATM 555 CD CD  . CD  B 2 .  ? -14.349 -2.419  -5.050  1.00 58.92 ? 102 CD  A CD  1 
HETATM 556 CD CD  . CD  C 2 .  ? 0.673   -6.439  -13.182 0.50 39.98 ? 202 CD  A CD  1 
HETATM 557 O  O   . HOH D 3 .  ? -0.093  -0.936  -11.040 1.00 97.71 ? 203 HOH A O   1 
HETATM 558 O  O   . HOH D 3 .  ? -13.053 -4.946  -5.082  1.00 58.81 ? 204 HOH A O   1 
HETATM 559 O  O   . HOH D 3 .  ? 9.447   -4.657  -9.993  1.00 35.65 ? 205 HOH A O   1 
HETATM 560 O  O   . HOH D 3 .  ? 7.700   -6.710  -10.940 0.50 28.59 ? 206 HOH A O   1 
HETATM 561 O  O   . HOH D 3 .  ? -17.550 2.999   0.692   1.00 39.09 ? 207 HOH A O   1 
HETATM 562 O  O   . HOH D 3 .  ? -15.249 -3.536  -3.502  1.00 47.46 ? 208 HOH A O   1 
HETATM 563 O  O   . HOH D 3 .  ? -17.014 0.468   -5.114  1.00 46.89 ? 209 HOH A O   1 
HETATM 564 O  O   . HOH D 3 .  ? -11.474 -5.961  -4.247  1.00 56.26 ? 210 HOH A O   1 
HETATM 565 O  O   . HOH D 3 .  ? 12.024  -3.241  -7.901  1.00 58.78 ? 211 HOH A O   1 
HETATM 566 O  O   . HOH D 3 .  ? 13.964  -2.973  -2.331  1.00 53.15 ? 212 HOH A O   1 
HETATM 567 O  O   . HOH D 3 .  ? -12.310 -9.187  -1.632  1.00 45.52 ? 213 HOH A O   1 
HETATM 568 O  O   . HOH D 3 .  ? 10.437  -1.268  -6.965  1.00 47.92 ? 214 HOH A O   1 
HETATM 569 O  O   . HOH D 3 .  ? -1.147  -2.755  -12.198 1.00 56.74 ? 215 HOH A O   1 
HETATM 570 O  O   . HOH D 3 .  ? 2.008   6.291   7.862   1.00 74.95 ? 216 HOH A O   1 
HETATM 571 O  O   . HOH D 3 .  ? 1.500   7.318   6.236   1.00 63.32 ? 217 HOH A O   1 
HETATM 572 O  O   . HOH D 3 .  ? -12.905 1.477   -6.736  1.00 71.50 ? 218 HOH A O   1 
HETATM 573 O  O   . HOH D 3 .  ? -1.808  -10.295 -12.146 1.00 59.95 ? 219 HOH A O   1 
HETATM 574 O  O   . HOH D 3 .  ? -3.787  -6.618  -9.370  1.00 67.65 ? 220 HOH A O   1 
HETATM 575 O  O   . HOH D 3 .  ? 11.336  3.432   -2.237  1.00 51.46 ? 221 HOH A O   1 
HETATM 576 O  O   . HOH D 3 .  ? 5.422   2.657   -9.524  1.00 59.92 ? 222 HOH A O   1 
HETATM 577 O  O   . HOH D 3 .  ? -5.857  -7.315  7.700   1.00 61.15 ? 223 HOH A O   1 
HETATM 578 O  O   . HOH D 3 .  ? -3.100  -13.689 -3.469  1.00 47.42 ? 224 HOH A O   1 
HETATM 579 O  O   . HOH D 3 .  ? -0.068  7.910   -6.177  1.00 54.04 ? 225 HOH A O   1 
HETATM 580 O  O   . HOH D 3 .  ? -8.074  0.783   -7.710  1.00 50.04 ? 226 HOH A O   1 
# 
